data_8CN1
#
_entry.id   8CN1
#
_cell.length_a   53.537
_cell.length_b   82.905
_cell.length_c   87.784
_cell.angle_alpha   64.104
_cell.angle_beta   90.137
_cell.angle_gamma   89.869
#
_symmetry.space_group_name_H-M   'P 1'
#
loop_
_entity.id
_entity.type
_entity.pdbx_description
1 polymer 'Disks large homolog 1'
2 polymer GLU-THR-GLU-VAL
3 non-polymer 'SULFATE ION'
4 water water
#
loop_
_entity_poly.entity_id
_entity_poly.type
_entity_poly.pdbx_seq_one_letter_code
_entity_poly.pdbx_strand_id
1 'polypeptide(L)'
;GPLGSETPTYVNGTDADYEYEEITLERGNSGLGFSIAGGTDNPHIGDDSSIFITKIITGGAAAQDGRLRVNDCILRVNEV
DVRDVTHSKAVEALKEAGSIVRLYVKRRKPVSEKIM
;
B,A,C,D,E,F,G,H,I,J,K,L
2 'polypeptide(L)' ETEV V,W,X,Y,N,O,P,Q,R,T,Z,U
#
# COMPACT_ATOMS: atom_id res chain seq x y z
N ASP A 17 27.02 21.86 -15.07
CA ASP A 17 26.39 21.27 -13.88
C ASP A 17 24.86 21.50 -13.90
N TYR A 18 24.31 22.18 -12.89
CA TYR A 18 22.88 22.32 -12.76
C TYR A 18 22.42 23.74 -13.06
N GLU A 19 21.19 23.84 -13.55
CA GLU A 19 20.42 25.07 -13.64
C GLU A 19 19.30 25.02 -12.61
N TYR A 20 18.97 26.17 -11.99
CA TYR A 20 18.01 26.26 -10.90
C TYR A 20 16.79 27.08 -11.33
N GLU A 21 15.59 26.64 -10.94
CA GLU A 21 14.38 27.42 -11.26
C GLU A 21 13.36 27.36 -10.12
N GLU A 22 12.71 28.50 -9.86
CA GLU A 22 11.52 28.54 -9.02
C GLU A 22 10.30 28.61 -9.92
N ILE A 23 9.36 27.70 -9.70
CA ILE A 23 8.17 27.60 -10.54
C ILE A 23 6.94 27.56 -9.65
N THR A 24 5.99 28.43 -9.92
CA THR A 24 4.74 28.53 -9.18
C THR A 24 3.60 28.03 -10.06
N LEU A 25 3.00 26.91 -9.67
CA LEU A 25 1.90 26.30 -10.39
C LEU A 25 0.57 26.66 -9.74
N GLU A 26 -0.48 26.68 -10.55
CA GLU A 26 -1.83 26.78 -10.05
C GLU A 26 -2.46 25.39 -10.10
N ARG A 27 -2.85 24.86 -8.96
CA ARG A 27 -3.47 23.56 -8.92
C ARG A 27 -4.71 23.56 -9.80
N GLY A 28 -4.88 22.48 -10.57
CA GLY A 28 -6.06 22.24 -11.37
C GLY A 28 -6.85 21.02 -10.90
N ASN A 29 -7.94 20.76 -11.62
CA ASN A 29 -8.86 19.71 -11.18
C ASN A 29 -8.18 18.35 -11.21
N SER A 30 -7.28 18.14 -12.19
CA SER A 30 -6.44 16.96 -12.25
C SER A 30 -5.11 17.19 -11.55
N GLY A 31 -5.08 18.03 -10.51
CA GLY A 31 -3.88 18.22 -9.73
C GLY A 31 -2.86 19.11 -10.43
N LEU A 32 -1.60 18.94 -10.05
CA LEU A 32 -0.54 19.76 -10.59
C LEU A 32 -0.09 19.31 -11.97
N GLY A 33 -0.53 18.14 -12.42
CA GLY A 33 -0.33 17.78 -13.82
C GLY A 33 1.00 17.13 -14.14
N PHE A 34 1.67 16.54 -13.16
CA PHE A 34 2.92 15.84 -13.42
C PHE A 34 3.02 14.65 -12.47
N SER A 35 3.96 13.77 -12.76
CA SER A 35 4.18 12.57 -11.97
C SER A 35 5.60 12.57 -11.45
N ILE A 36 5.79 12.06 -10.24
CA ILE A 36 7.11 12.05 -9.61
C ILE A 36 7.49 10.63 -9.23
N ALA A 37 8.79 10.39 -9.16
CA ALA A 37 9.35 9.15 -8.65
C ALA A 37 10.48 9.52 -7.70
N GLY A 38 10.90 8.57 -6.90
CA GLY A 38 12.09 8.75 -6.09
C GLY A 38 11.75 8.80 -4.61
N GLY A 39 12.75 9.18 -3.85
CA GLY A 39 12.63 9.17 -2.40
C GLY A 39 13.56 8.13 -1.77
N THR A 40 13.84 8.33 -0.49
CA THR A 40 14.82 7.50 0.20
C THR A 40 14.41 6.03 0.22
N ASP A 41 13.11 5.74 0.13
CA ASP A 41 12.64 4.36 0.17
C ASP A 41 12.31 3.80 -1.21
N ASN A 42 12.48 4.59 -2.26
CA ASN A 42 12.29 4.07 -3.60
C ASN A 42 13.17 4.89 -4.53
N PRO A 43 14.49 4.80 -4.41
CA PRO A 43 15.38 5.62 -5.24
C PRO A 43 15.09 5.38 -6.72
N HIS A 44 14.69 6.46 -7.40
CA HIS A 44 14.40 6.36 -8.82
C HIS A 44 15.63 5.96 -9.61
N ILE A 45 16.79 6.38 -9.14
CA ILE A 45 18.07 6.20 -9.80
C ILE A 45 19.02 5.63 -8.76
N GLY A 46 20.05 4.92 -9.21
CA GLY A 46 20.97 4.33 -8.26
C GLY A 46 21.57 5.35 -7.30
N ASP A 47 21.56 5.04 -6.01
CA ASP A 47 22.23 5.83 -4.98
C ASP A 47 21.72 7.26 -4.88
N ASP A 48 20.59 7.58 -5.52
CA ASP A 48 20.01 8.92 -5.44
C ASP A 48 18.58 8.83 -4.89
N SER A 49 18.32 9.56 -3.82
CA SER A 49 17.00 9.62 -3.20
C SER A 49 16.14 10.78 -3.72
N SER A 50 16.61 11.50 -4.74
CA SER A 50 15.90 12.70 -5.19
C SER A 50 14.48 12.37 -5.63
N ILE A 51 13.61 13.37 -5.51
CA ILE A 51 12.30 13.35 -6.15
C ILE A 51 12.51 13.89 -7.56
N PHE A 52 12.29 13.05 -8.58
CA PHE A 52 12.42 13.46 -9.97
C PHE A 52 11.05 13.60 -10.63
N ILE A 53 10.94 14.54 -11.54
CA ILE A 53 9.73 14.65 -12.36
C ILE A 53 9.85 13.71 -13.55
N THR A 54 8.84 12.86 -13.72
CA THR A 54 8.91 11.80 -14.70
C THR A 54 7.92 11.97 -15.83
N LYS A 55 6.96 12.89 -15.71
CA LYS A 55 5.94 13.02 -16.72
C LYS A 55 5.32 14.39 -16.59
N ILE A 56 5.11 15.05 -17.71
CA ILE A 56 4.30 16.27 -17.75
C ILE A 56 3.06 15.94 -18.57
N ILE A 57 1.89 16.04 -17.94
CA ILE A 57 0.64 15.57 -18.54
C ILE A 57 0.15 16.61 -19.54
N THR A 58 -0.10 16.17 -20.77
CA THR A 58 -0.56 17.07 -21.82
C THR A 58 -1.84 17.75 -21.41
N GLY A 59 -1.81 19.07 -21.30
CA GLY A 59 -2.98 19.84 -20.97
C GLY A 59 -3.18 20.09 -19.50
N GLY A 60 -2.36 19.51 -18.63
CA GLY A 60 -2.46 19.78 -17.22
C GLY A 60 -1.81 21.09 -16.86
N ALA A 61 -1.86 21.39 -15.55
CA ALA A 61 -1.31 22.65 -15.05
C ALA A 61 0.17 22.81 -15.38
N ALA A 62 0.98 21.78 -15.12
CA ALA A 62 2.42 21.93 -15.29
C ALA A 62 2.75 22.17 -16.76
N ALA A 63 2.12 21.42 -17.65
CA ALA A 63 2.29 21.63 -19.09
C ALA A 63 1.87 23.05 -19.48
N GLN A 64 0.67 23.45 -19.09
CA GLN A 64 0.20 24.77 -19.46
C GLN A 64 1.10 25.86 -18.86
N ASP A 65 1.65 25.65 -17.67
CA ASP A 65 2.55 26.68 -17.14
C ASP A 65 3.81 26.80 -17.96
N GLY A 66 4.37 25.66 -18.40
CA GLY A 66 5.34 25.64 -19.47
C GLY A 66 6.79 25.54 -19.03
N ARG A 67 7.08 25.67 -17.74
CA ARG A 67 8.46 25.79 -17.30
C ARG A 67 9.07 24.51 -16.76
N LEU A 68 8.27 23.62 -16.17
CA LEU A 68 8.82 22.37 -15.65
C LEU A 68 9.21 21.46 -16.81
N ARG A 69 10.15 20.56 -16.56
CA ARG A 69 10.63 19.65 -17.58
C ARG A 69 10.75 18.26 -16.99
N VAL A 70 10.58 17.25 -17.84
CA VAL A 70 10.82 15.87 -17.40
C VAL A 70 12.24 15.78 -16.87
N ASN A 71 12.42 15.00 -15.79
CA ASN A 71 13.68 14.73 -15.09
C ASN A 71 14.10 15.89 -14.19
N ASP A 72 13.30 16.93 -14.08
CA ASP A 72 13.63 17.97 -13.12
C ASP A 72 13.64 17.34 -11.73
N CYS A 73 14.60 17.77 -10.92
CA CYS A 73 14.72 17.31 -9.54
C CYS A 73 14.05 18.34 -8.64
N ILE A 74 13.04 17.92 -7.88
CA ILE A 74 12.34 18.82 -6.97
C ILE A 74 13.10 18.88 -5.65
N LEU A 75 13.53 20.08 -5.27
CA LEU A 75 14.30 20.37 -4.07
C LEU A 75 13.45 20.86 -2.92
N ARG A 76 12.43 21.64 -3.20
CA ARG A 76 11.65 22.26 -2.16
C ARG A 76 10.24 22.44 -2.68
N VAL A 77 9.26 22.25 -1.81
CA VAL A 77 7.86 22.46 -2.12
C VAL A 77 7.35 23.42 -1.06
N ASN A 78 7.04 24.65 -1.48
CA ASN A 78 6.83 25.77 -0.56
C ASN A 78 8.04 25.90 0.36
N GLU A 79 7.93 25.62 1.65
CA GLU A 79 9.12 25.65 2.49
C GLU A 79 9.55 24.24 2.94
N VAL A 80 8.99 23.20 2.35
CA VAL A 80 9.25 21.82 2.77
C VAL A 80 10.40 21.25 1.92
N ASP A 81 11.57 21.12 2.53
CA ASP A 81 12.75 20.51 1.91
C ASP A 81 12.50 19.03 1.58
N VAL A 82 12.54 18.66 0.29
CA VAL A 82 12.31 17.27 -0.09
C VAL A 82 13.54 16.68 -0.78
N ARG A 83 14.74 17.13 -0.39
CA ARG A 83 15.97 16.54 -0.91
C ARG A 83 16.28 15.17 -0.32
N ASP A 84 15.64 14.79 0.78
CA ASP A 84 15.99 13.58 1.51
C ASP A 84 14.75 13.09 2.27
N VAL A 85 13.70 12.73 1.53
CA VAL A 85 12.44 12.34 2.14
C VAL A 85 12.01 11.00 1.57
N THR A 86 11.08 10.34 2.25
CA THR A 86 10.46 9.17 1.65
C THR A 86 9.62 9.63 0.47
N HIS A 87 9.15 8.66 -0.31
CA HIS A 87 8.36 9.00 -1.49
C HIS A 87 7.03 9.61 -1.09
N SER A 88 6.37 9.05 -0.08
CA SER A 88 5.04 9.53 0.28
C SER A 88 5.08 10.86 1.01
N LYS A 89 6.16 11.16 1.71
CA LYS A 89 6.28 12.50 2.26
C LYS A 89 6.42 13.54 1.15
N ALA A 90 7.17 13.22 0.10
CA ALA A 90 7.19 14.09 -1.08
C ALA A 90 5.79 14.24 -1.65
N VAL A 91 5.06 13.12 -1.80
CA VAL A 91 3.69 13.15 -2.32
C VAL A 91 2.81 14.01 -1.42
N GLU A 92 2.92 13.81 -0.11
CA GLU A 92 2.09 14.59 0.79
C GLU A 92 2.51 16.07 0.83
N ALA A 93 3.80 16.38 0.63
CA ALA A 93 4.17 17.79 0.60
C ALA A 93 3.54 18.52 -0.59
N LEU A 94 3.20 17.79 -1.66
CA LEU A 94 2.53 18.37 -2.82
C LEU A 94 1.00 18.38 -2.66
N LYS A 95 0.44 17.25 -2.20
CA LYS A 95 -0.96 17.21 -1.79
C LYS A 95 -1.33 18.41 -0.93
N GLU A 96 -0.50 18.78 0.04
CA GLU A 96 -0.84 19.77 1.05
C GLU A 96 -0.13 21.11 0.84
N ALA A 97 0.23 21.43 -0.39
CA ALA A 97 0.93 22.67 -0.69
C ALA A 97 -0.01 23.82 -1.04
N GLY A 98 -1.31 23.57 -1.05
CA GLY A 98 -2.28 24.61 -1.34
C GLY A 98 -2.67 24.67 -2.80
N SER A 99 -3.21 25.83 -3.18
CA SER A 99 -3.63 26.08 -4.55
C SER A 99 -2.55 26.73 -5.39
N ILE A 100 -1.68 27.54 -4.78
CA ILE A 100 -0.55 28.19 -5.44
C ILE A 100 0.71 27.55 -4.88
N VAL A 101 1.39 26.75 -5.70
CA VAL A 101 2.43 25.84 -5.22
C VAL A 101 3.79 26.32 -5.71
N ARG A 102 4.69 26.68 -4.78
CA ARG A 102 6.05 27.06 -5.15
C ARG A 102 6.90 25.81 -5.24
N LEU A 103 7.47 25.55 -6.42
CA LEU A 103 8.38 24.45 -6.66
C LEU A 103 9.78 25.01 -6.90
N TYR A 104 10.75 24.59 -6.10
CA TYR A 104 12.16 24.88 -6.35
C TYR A 104 12.81 23.62 -6.92
N VAL A 105 13.32 23.71 -8.15
CA VAL A 105 13.84 22.55 -8.88
C VAL A 105 15.25 22.85 -9.37
N LYS A 106 15.97 21.80 -9.77
CA LYS A 106 17.24 21.95 -10.49
C LYS A 106 17.30 20.88 -11.59
N ARG A 107 18.03 21.18 -12.66
CA ARG A 107 18.12 20.28 -13.79
C ARG A 107 19.52 20.32 -14.36
N ARG A 108 19.88 19.24 -15.06
CA ARG A 108 21.23 19.07 -15.55
C ARG A 108 21.54 20.06 -16.67
N LYS A 109 22.80 20.50 -16.71
CA LYS A 109 23.38 21.33 -17.76
C LYS A 109 22.73 22.74 -17.81
N ASP B 17 10.87 -21.76 -22.31
CA ASP B 17 12.11 -21.06 -21.97
C ASP B 17 12.00 -20.18 -20.69
N TYR B 18 10.92 -20.37 -19.93
CA TYR B 18 10.77 -19.85 -18.58
C TYR B 18 10.55 -21.01 -17.60
N GLU B 19 11.03 -20.82 -16.38
CA GLU B 19 10.92 -21.81 -15.31
C GLU B 19 10.11 -21.21 -14.17
N TYR B 20 9.19 -21.98 -13.59
CA TYR B 20 8.24 -21.46 -12.61
C TYR B 20 8.54 -22.01 -11.23
N GLU B 21 8.24 -21.22 -10.19
CA GLU B 21 8.42 -21.71 -8.83
C GLU B 21 7.45 -21.01 -7.88
N GLU B 22 6.79 -21.78 -7.01
CA GLU B 22 6.07 -21.22 -5.87
C GLU B 22 6.97 -21.26 -4.65
N ILE B 23 7.10 -20.12 -3.98
CA ILE B 23 8.02 -19.97 -2.87
C ILE B 23 7.28 -19.31 -1.72
N THR B 24 7.39 -19.90 -0.52
CA THR B 24 6.68 -19.45 0.67
C THR B 24 7.71 -18.94 1.69
N LEU B 25 7.57 -17.67 2.08
CA LEU B 25 8.51 -16.98 2.95
C LEU B 25 7.86 -16.63 4.29
N GLU B 26 8.67 -16.64 5.34
CA GLU B 26 8.24 -16.21 6.66
C GLU B 26 8.76 -14.79 6.89
N ARG B 27 7.84 -13.83 6.90
CA ARG B 27 8.22 -12.43 7.09
C ARG B 27 9.12 -12.28 8.29
N GLY B 28 10.15 -11.44 8.16
CA GLY B 28 11.09 -11.18 9.22
C GLY B 28 10.97 -9.74 9.69
N ASN B 29 11.88 -9.38 10.60
CA ASN B 29 11.86 -8.01 11.09
C ASN B 29 12.23 -7.02 10.00
N SER B 30 13.05 -7.44 9.03
CA SER B 30 13.34 -6.58 7.88
C SER B 30 12.46 -6.95 6.70
N GLY B 31 11.22 -7.37 6.94
CA GLY B 31 10.33 -7.71 5.85
C GLY B 31 10.68 -9.05 5.23
N LEU B 32 10.36 -9.20 3.95
CA LEU B 32 10.63 -10.45 3.25
C LEU B 32 12.08 -10.61 2.81
N GLY B 33 12.88 -9.55 2.85
CA GLY B 33 14.31 -9.66 2.61
C GLY B 33 14.78 -9.44 1.19
N PHE B 34 13.99 -8.77 0.35
CA PHE B 34 14.40 -8.47 -1.02
C PHE B 34 13.76 -7.13 -1.43
N SER B 35 14.24 -6.58 -2.56
CA SER B 35 13.68 -5.37 -3.14
C SER B 35 13.15 -5.66 -4.53
N ILE B 36 12.17 -4.86 -4.97
CA ILE B 36 11.49 -5.08 -6.25
C ILE B 36 11.51 -3.80 -7.09
N ALA B 37 11.48 -3.97 -8.40
CA ALA B 37 11.32 -2.85 -9.32
C ALA B 37 10.32 -3.23 -10.39
N GLY B 38 9.84 -2.25 -11.10
CA GLY B 38 8.92 -2.49 -12.20
C GLY B 38 7.50 -2.06 -11.88
N GLY B 39 6.62 -2.42 -12.78
CA GLY B 39 5.23 -2.01 -12.76
C GLY B 39 4.82 -1.36 -14.06
N THR B 40 3.50 -1.27 -14.24
CA THR B 40 2.97 -0.58 -15.40
C THR B 40 3.46 0.86 -15.50
N ASP B 41 3.63 1.52 -14.36
CA ASP B 41 4.09 2.90 -14.32
C ASP B 41 5.61 3.01 -14.17
N ASN B 42 6.39 2.15 -14.84
CA ASN B 42 7.84 2.11 -14.61
C ASN B 42 8.58 1.58 -15.85
N ILE B 45 12.38 0.25 -15.97
CA ILE B 45 13.32 -0.77 -15.50
C ILE B 45 13.00 -2.10 -16.15
N GLY B 46 13.91 -2.58 -16.98
CA GLY B 46 13.72 -3.85 -17.65
C GLY B 46 12.84 -3.82 -18.88
N ASP B 47 12.35 -2.65 -19.27
CA ASP B 47 11.67 -2.33 -20.53
C ASP B 47 10.18 -2.76 -20.56
N ASP B 48 9.68 -3.47 -19.54
CA ASP B 48 8.29 -3.91 -19.50
C ASP B 48 7.70 -3.66 -18.11
N SER B 49 6.47 -4.12 -17.91
CA SER B 49 5.69 -3.80 -16.72
C SER B 49 5.89 -4.79 -15.57
N SER B 50 6.73 -5.80 -15.75
CA SER B 50 6.86 -6.87 -14.78
C SER B 50 7.43 -6.37 -13.45
N ILE B 51 6.97 -6.99 -12.36
CA ILE B 51 7.56 -6.82 -11.04
C ILE B 51 8.71 -7.81 -10.92
N PHE B 52 9.93 -7.33 -10.63
CA PHE B 52 11.07 -8.25 -10.57
C PHE B 52 11.98 -7.93 -9.39
N ILE B 53 12.65 -8.98 -8.89
CA ILE B 53 13.59 -8.83 -7.78
C ILE B 53 14.87 -8.18 -8.30
N THR B 54 15.33 -7.13 -7.60
CA THR B 54 16.61 -6.50 -7.92
C THR B 54 17.70 -6.83 -6.90
N LYS B 55 17.33 -7.35 -5.74
CA LYS B 55 18.29 -7.48 -4.66
C LYS B 55 17.73 -8.46 -3.66
N ILE B 56 18.60 -9.33 -3.13
CA ILE B 56 18.25 -10.26 -2.06
C ILE B 56 19.16 -9.97 -0.89
N ILE B 57 18.57 -9.71 0.27
CA ILE B 57 19.29 -9.14 1.39
C ILE B 57 19.98 -10.25 2.17
N THR B 58 21.30 -10.14 2.32
CA THR B 58 22.06 -11.05 3.19
C THR B 58 21.41 -11.17 4.56
N GLY B 59 21.07 -12.41 4.96
CA GLY B 59 20.49 -12.68 6.25
C GLY B 59 18.98 -12.53 6.34
N GLY B 60 18.32 -12.09 5.28
CA GLY B 60 16.89 -11.86 5.33
C GLY B 60 16.10 -13.13 5.05
N ALA B 61 14.78 -12.97 5.03
CA ALA B 61 13.92 -14.13 4.82
C ALA B 61 14.23 -14.81 3.49
N ALA B 62 14.26 -14.02 2.40
CA ALA B 62 14.41 -14.62 1.08
C ALA B 62 15.78 -15.29 0.92
N ALA B 63 16.82 -14.74 1.55
CA ALA B 63 18.15 -15.33 1.43
C ALA B 63 18.30 -16.58 2.30
N GLN B 64 17.59 -16.64 3.42
CA GLN B 64 17.62 -17.84 4.23
C GLN B 64 16.81 -18.98 3.59
N ASP B 65 15.73 -18.67 2.87
CA ASP B 65 14.97 -19.72 2.22
C ASP B 65 15.67 -20.28 0.99
N GLY B 66 16.42 -19.44 0.27
CA GLY B 66 17.39 -19.89 -0.71
C GLY B 66 16.90 -20.00 -2.12
N ARG B 67 15.61 -19.81 -2.37
CA ARG B 67 15.04 -20.08 -3.68
C ARG B 67 14.89 -18.86 -4.55
N LEU B 68 14.51 -17.71 -3.99
CA LEU B 68 14.35 -16.52 -4.83
C LEU B 68 15.69 -16.09 -5.39
N ARG B 69 15.64 -15.50 -6.59
CA ARG B 69 16.85 -15.10 -7.29
C ARG B 69 16.69 -13.70 -7.84
N VAL B 70 17.82 -12.97 -7.92
CA VAL B 70 17.80 -11.65 -8.52
C VAL B 70 17.24 -11.77 -9.93
N ASN B 71 16.35 -10.86 -10.29
CA ASN B 71 15.65 -10.79 -11.58
C ASN B 71 14.55 -11.82 -11.70
N ASP B 72 14.24 -12.57 -10.64
CA ASP B 72 13.00 -13.34 -10.66
C ASP B 72 11.84 -12.39 -10.86
N CYS B 73 10.83 -12.84 -11.58
CA CYS B 73 9.66 -12.05 -11.90
C CYS B 73 8.49 -12.56 -11.08
N ILE B 74 7.97 -11.72 -10.16
CA ILE B 74 6.84 -12.08 -9.31
C ILE B 74 5.53 -11.99 -10.09
N LEU B 75 4.86 -13.14 -10.24
CA LEU B 75 3.59 -13.26 -10.93
C LEU B 75 2.39 -13.11 -10.00
N ARG B 76 2.46 -13.70 -8.81
CA ARG B 76 1.37 -13.71 -7.86
C ARG B 76 1.91 -13.60 -6.44
N VAL B 77 1.23 -12.80 -5.61
CA VAL B 77 1.52 -12.68 -4.19
C VAL B 77 0.28 -13.18 -3.47
N ASN B 78 0.39 -14.35 -2.83
CA ASN B 78 -0.79 -15.09 -2.37
C ASN B 78 -1.76 -15.26 -3.52
N GLU B 79 -2.94 -14.66 -3.44
CA GLU B 79 -3.88 -14.75 -4.55
C GLU B 79 -3.99 -13.45 -5.34
N VAL B 80 -3.12 -12.47 -5.07
CA VAL B 80 -3.16 -11.21 -5.78
C VAL B 80 -2.25 -11.29 -7.00
N ASP B 81 -2.83 -11.06 -8.18
CA ASP B 81 -2.13 -11.12 -9.46
C ASP B 81 -1.37 -9.81 -9.70
N VAL B 82 -0.04 -9.90 -9.76
CA VAL B 82 0.77 -8.70 -9.90
C VAL B 82 1.49 -8.68 -11.25
N ARG B 83 0.89 -9.29 -12.27
CA ARG B 83 1.43 -9.26 -13.62
C ARG B 83 1.12 -7.96 -14.38
N ASP B 84 0.25 -7.11 -13.85
CA ASP B 84 -0.18 -5.91 -14.58
C ASP B 84 -0.68 -4.90 -13.55
N VAL B 85 0.22 -4.45 -12.68
CA VAL B 85 -0.16 -3.52 -11.62
C VAL B 85 0.86 -2.38 -11.60
N THR B 86 0.49 -1.29 -10.92
CA THR B 86 1.48 -0.27 -10.63
C THR B 86 2.48 -0.80 -9.60
N HIS B 87 3.57 -0.06 -9.46
CA HIS B 87 4.60 -0.46 -8.50
C HIS B 87 4.06 -0.45 -7.08
N SER B 88 3.29 0.57 -6.70
CA SER B 88 2.85 0.64 -5.32
C SER B 88 1.87 -0.47 -4.99
N LYS B 89 0.93 -0.77 -5.90
CA LYS B 89 0.03 -1.90 -5.68
C LYS B 89 0.82 -3.18 -5.43
N ALA B 90 1.91 -3.39 -6.17
CA ALA B 90 2.75 -4.55 -5.89
C ALA B 90 3.38 -4.45 -4.52
N VAL B 91 3.97 -3.29 -4.21
CA VAL B 91 4.56 -3.09 -2.90
C VAL B 91 3.52 -3.32 -1.81
N GLU B 92 2.29 -2.83 -2.03
CA GLU B 92 1.24 -3.00 -1.05
C GLU B 92 0.72 -4.42 -1.03
N ALA B 93 0.70 -5.09 -2.18
CA ALA B 93 0.33 -6.50 -2.19
C ALA B 93 1.27 -7.32 -1.33
N LEU B 94 2.53 -6.91 -1.23
CA LEU B 94 3.52 -7.60 -0.39
C LEU B 94 3.47 -7.15 1.08
N LYS B 95 3.28 -5.85 1.34
CA LYS B 95 3.12 -5.41 2.73
C LYS B 95 1.95 -6.10 3.42
N GLU B 96 0.85 -6.30 2.69
CA GLU B 96 -0.40 -6.79 3.29
C GLU B 96 -0.61 -8.29 3.11
N ALA B 97 0.43 -9.03 2.74
CA ALA B 97 0.29 -10.43 2.40
C ALA B 97 0.33 -11.34 3.62
N GLY B 98 0.54 -10.79 4.80
CA GLY B 98 0.62 -11.61 5.98
C GLY B 98 2.04 -11.94 6.36
N SER B 99 2.16 -12.82 7.36
CA SER B 99 3.47 -13.21 7.87
C SER B 99 4.02 -14.43 7.15
N ILE B 100 3.13 -15.27 6.60
CA ILE B 100 3.52 -16.39 5.72
C ILE B 100 3.00 -16.07 4.32
N VAL B 101 3.93 -15.91 3.37
CA VAL B 101 3.63 -15.27 2.08
C VAL B 101 3.95 -16.23 0.96
N ARG B 102 2.95 -16.56 0.13
CA ARG B 102 3.16 -17.43 -1.02
C ARG B 102 3.51 -16.57 -2.24
N LEU B 103 4.74 -16.70 -2.73
CA LEU B 103 5.21 -16.02 -3.93
C LEU B 103 5.22 -16.99 -5.11
N TYR B 104 4.64 -16.58 -6.24
CA TYR B 104 4.69 -17.35 -7.46
C TYR B 104 5.54 -16.59 -8.48
N VAL B 105 6.62 -17.20 -8.94
CA VAL B 105 7.64 -16.50 -9.70
C VAL B 105 7.97 -17.29 -10.95
N LYS B 106 8.63 -16.63 -11.89
CA LYS B 106 9.19 -17.29 -13.07
C LYS B 106 10.52 -16.64 -13.40
N ARG B 107 11.44 -17.44 -13.92
CA ARG B 107 12.76 -16.94 -14.27
C ARG B 107 13.14 -17.44 -15.65
N ARG B 108 14.00 -16.65 -16.32
CA ARG B 108 14.40 -16.98 -17.68
C ARG B 108 15.17 -18.28 -17.75
N LYS B 109 15.73 -18.75 -16.64
CA LYS B 109 16.35 -20.06 -16.63
C LYS B 109 15.33 -21.18 -16.93
N ASP C 17 22.98 46.83 20.62
CA ASP C 17 24.15 46.00 20.33
C ASP C 17 24.10 45.47 18.88
N TYR C 18 24.00 44.15 18.74
CA TYR C 18 23.88 43.49 17.45
C TYR C 18 22.53 42.80 17.36
N GLU C 19 21.91 42.84 16.20
CA GLU C 19 20.72 42.07 15.90
C GLU C 19 21.11 40.81 15.13
N TYR C 20 20.48 39.67 15.46
CA TYR C 20 20.78 38.39 14.84
C TYR C 20 19.62 37.91 13.99
N GLU C 21 19.92 37.17 12.90
CA GLU C 21 18.84 36.63 12.06
C GLU C 21 19.27 35.35 11.36
N GLU C 22 18.29 34.48 11.12
CA GLU C 22 18.49 33.24 10.39
C GLU C 22 17.77 33.35 9.04
N ILE C 23 18.52 33.21 7.94
CA ILE C 23 18.02 33.43 6.59
C ILE C 23 18.32 32.20 5.74
N THR C 24 17.29 31.58 5.21
CA THR C 24 17.45 30.41 4.35
C THR C 24 17.26 30.85 2.90
N LEU C 25 18.31 30.76 2.11
CA LEU C 25 18.28 31.12 0.69
C LEU C 25 18.24 29.86 -0.16
N GLU C 26 17.54 29.95 -1.29
CA GLU C 26 17.57 28.93 -2.33
C GLU C 26 18.53 29.38 -3.42
N ARG C 27 19.52 28.54 -3.75
CA ARG C 27 20.56 28.94 -4.69
C ARG C 27 20.00 29.16 -6.09
N GLY C 28 20.47 30.22 -6.76
CA GLY C 28 20.08 30.53 -8.11
C GLY C 28 21.18 30.28 -9.13
N ASN C 29 20.89 30.65 -10.38
CA ASN C 29 21.90 30.47 -11.41
C ASN C 29 23.08 31.41 -11.22
N SER C 30 22.84 32.60 -10.70
CA SER C 30 23.91 33.50 -10.28
C SER C 30 24.27 33.32 -8.82
N GLY C 31 24.20 32.10 -8.31
CA GLY C 31 24.54 31.84 -6.93
C GLY C 31 23.47 32.26 -5.93
N LEU C 32 23.91 32.44 -4.69
CA LEU C 32 23.03 33.00 -3.67
C LEU C 32 22.70 34.47 -3.92
N GLY C 33 23.55 35.18 -4.66
CA GLY C 33 23.20 36.50 -5.16
C GLY C 33 23.69 37.66 -4.31
N PHE C 34 24.90 37.54 -3.76
CA PHE C 34 25.50 38.65 -3.04
C PHE C 34 27.01 38.49 -3.09
N SER C 35 27.73 39.48 -2.55
CA SER C 35 29.19 39.44 -2.47
C SER C 35 29.66 39.55 -1.03
N ILE C 36 30.81 38.94 -0.74
CA ILE C 36 31.37 38.94 0.61
C ILE C 36 32.81 39.43 0.57
N ALA C 37 33.23 40.05 1.66
CA ALA C 37 34.59 40.51 1.82
C ALA C 37 35.09 40.08 3.20
N GLY C 38 36.38 40.15 3.39
CA GLY C 38 36.93 39.95 4.69
C GLY C 38 37.44 38.54 4.91
N GLY C 39 37.77 38.30 6.17
CA GLY C 39 38.50 37.11 6.59
C GLY C 39 39.74 37.48 7.40
N THR C 40 40.28 36.46 8.05
CA THR C 40 41.48 36.66 8.86
C THR C 40 42.68 37.03 8.00
N ASP C 41 42.71 36.57 6.75
CA ASP C 41 43.80 36.85 5.84
C ASP C 41 43.57 38.11 5.00
N ASN C 42 42.47 38.82 5.24
CA ASN C 42 42.22 40.03 4.48
C ASN C 42 43.34 41.04 4.77
N PRO C 43 43.87 41.73 3.76
CA PRO C 43 44.73 42.89 4.02
C PRO C 43 43.88 44.13 4.34
N HIS C 44 44.36 44.89 5.33
CA HIS C 44 43.64 46.06 5.86
C HIS C 44 42.21 45.71 6.29
N ASP C 48 37.92 44.20 10.11
CA ASP C 48 38.60 43.20 10.93
C ASP C 48 38.75 41.88 10.20
N SER C 49 38.25 40.81 10.82
CA SER C 49 38.40 39.47 10.27
C SER C 49 37.08 38.78 9.93
N SER C 50 35.95 39.48 10.04
CA SER C 50 34.67 38.82 9.78
C SER C 50 34.35 38.78 8.28
N ILE C 51 33.38 37.93 7.95
CA ILE C 51 32.83 37.84 6.59
C ILE C 51 31.62 38.75 6.55
N PHE C 52 31.61 39.72 5.64
CA PHE C 52 30.48 40.64 5.59
C PHE C 52 30.00 40.85 4.17
N ILE C 53 28.72 41.20 4.04
CA ILE C 53 28.07 41.42 2.75
C ILE C 53 28.41 42.81 2.26
N THR C 54 28.98 42.88 1.03
CA THR C 54 29.31 44.15 0.38
C THR C 54 28.30 44.56 -0.68
N LYS C 55 27.50 43.63 -1.19
CA LYS C 55 26.67 43.88 -2.35
C LYS C 55 25.53 42.88 -2.36
N ILE C 56 24.37 43.30 -2.86
CA ILE C 56 23.20 42.44 -3.01
C ILE C 56 22.69 42.60 -4.43
N ILE C 57 22.62 41.50 -5.17
CA ILE C 57 22.45 41.55 -6.61
C ILE C 57 20.97 41.67 -6.94
N THR C 58 20.60 42.73 -7.67
CA THR C 58 19.26 42.87 -8.19
C THR C 58 18.88 41.60 -8.93
N GLY C 59 17.71 41.05 -8.60
CA GLY C 59 17.19 39.87 -9.26
C GLY C 59 17.65 38.54 -8.68
N GLY C 60 18.57 38.57 -7.72
CA GLY C 60 19.16 37.36 -7.19
C GLY C 60 18.37 36.78 -6.04
N ALA C 61 18.88 35.66 -5.54
CA ALA C 61 18.19 34.98 -4.46
C ALA C 61 18.10 35.86 -3.21
N ALA C 62 19.24 36.42 -2.77
CA ALA C 62 19.23 37.21 -1.54
C ALA C 62 18.37 38.45 -1.68
N ALA C 63 18.31 39.04 -2.88
CA ALA C 63 17.50 40.24 -3.03
C ALA C 63 16.01 39.90 -3.11
N GLN C 64 15.67 38.75 -3.69
CA GLN C 64 14.27 38.34 -3.71
C GLN C 64 13.80 37.86 -2.35
N ASP C 65 14.68 37.23 -1.58
CA ASP C 65 14.30 36.84 -0.23
C ASP C 65 14.06 38.06 0.64
N GLY C 66 14.84 39.12 0.43
CA GLY C 66 14.57 40.41 1.01
C GLY C 66 15.16 40.65 2.37
N ARG C 67 15.76 39.63 2.99
CA ARG C 67 16.18 39.77 4.37
C ARG C 67 17.64 40.18 4.54
N LEU C 68 18.54 39.76 3.64
CA LEU C 68 19.94 40.09 3.84
C LEU C 68 20.20 41.57 3.56
N ARG C 69 21.24 42.10 4.20
CA ARG C 69 21.59 43.51 4.07
C ARG C 69 23.08 43.61 3.82
N VAL C 70 23.47 44.66 3.08
CA VAL C 70 24.89 44.97 2.97
C VAL C 70 25.41 45.22 4.38
N ASN C 71 26.68 44.89 4.61
CA ASN C 71 27.35 44.96 5.89
C ASN C 71 26.80 43.97 6.90
N ASP C 72 25.84 43.12 6.52
CA ASP C 72 25.51 41.98 7.37
C ASP C 72 26.76 41.14 7.52
N CYS C 73 27.04 40.73 8.76
CA CYS C 73 28.18 39.89 9.04
C CYS C 73 27.69 38.44 9.07
N ILE C 74 28.34 37.55 8.32
CA ILE C 74 27.95 36.15 8.24
C ILE C 74 28.70 35.36 9.31
N LEU C 75 27.95 34.67 10.17
CA LEU C 75 28.53 33.98 11.32
C LEU C 75 28.61 32.47 11.12
N ARG C 76 27.66 31.90 10.40
CA ARG C 76 27.61 30.47 10.19
C ARG C 76 26.89 30.22 8.88
N VAL C 77 27.31 29.20 8.15
CA VAL C 77 26.76 28.78 6.88
C VAL C 77 26.38 27.32 7.04
N ASN C 78 25.08 27.03 7.20
CA ASN C 78 24.62 25.72 7.62
C ASN C 78 25.23 25.41 8.97
N GLU C 79 26.17 24.48 9.04
CA GLU C 79 26.78 24.19 10.32
C GLU C 79 28.27 24.55 10.37
N VAL C 80 28.79 25.20 9.34
CA VAL C 80 30.20 25.62 9.28
C VAL C 80 30.32 27.00 9.92
N ASP C 81 31.16 27.09 10.96
CA ASP C 81 31.41 28.33 11.70
C ASP C 81 32.39 29.17 10.89
N VAL C 82 31.96 30.33 10.40
CA VAL C 82 32.81 31.17 9.57
C VAL C 82 33.22 32.47 10.29
N ARG C 83 33.13 32.50 11.63
CA ARG C 83 33.48 33.71 12.36
C ARG C 83 34.95 34.03 12.25
N ASP C 84 35.81 33.02 12.13
CA ASP C 84 37.27 33.19 12.19
C ASP C 84 37.85 32.21 11.16
N VAL C 85 37.84 32.63 9.89
CA VAL C 85 38.22 31.76 8.78
C VAL C 85 38.80 32.64 7.68
N THR C 86 39.66 32.05 6.85
CA THR C 86 40.21 32.81 5.73
C THR C 86 39.10 33.16 4.77
N HIS C 87 39.40 34.09 3.85
CA HIS C 87 38.39 34.50 2.87
C HIS C 87 37.95 33.30 2.01
N SER C 88 38.89 32.49 1.53
CA SER C 88 38.52 31.41 0.63
C SER C 88 37.79 30.26 1.34
N LYS C 89 37.98 30.09 2.65
CA LYS C 89 37.21 29.08 3.37
C LYS C 89 35.73 29.50 3.47
N ALA C 90 35.49 30.77 3.73
CA ALA C 90 34.13 31.31 3.66
C ALA C 90 33.51 31.08 2.29
N VAL C 91 34.18 31.54 1.24
CA VAL C 91 33.69 31.34 -0.12
C VAL C 91 33.43 29.86 -0.39
N GLU C 92 34.35 28.99 0.04
CA GLU C 92 34.15 27.56 -0.19
C GLU C 92 33.06 27.02 0.70
N ALA C 93 32.91 27.56 1.91
CA ALA C 93 31.79 27.15 2.76
C ALA C 93 30.48 27.43 2.05
N LEU C 94 30.38 28.59 1.41
CA LEU C 94 29.13 28.95 0.73
C LEU C 94 28.94 28.16 -0.56
N LYS C 95 30.02 27.98 -1.33
CA LYS C 95 29.91 27.20 -2.56
C LYS C 95 29.38 25.80 -2.30
N GLU C 96 29.79 25.18 -1.18
CA GLU C 96 29.44 23.80 -0.88
C GLU C 96 28.31 23.65 0.13
N ALA C 97 27.46 24.66 0.29
CA ALA C 97 26.38 24.59 1.26
C ALA C 97 25.12 23.93 0.70
N GLY C 98 25.07 23.65 -0.59
CA GLY C 98 23.93 22.99 -1.18
C GLY C 98 22.97 23.96 -1.84
N SER C 99 21.80 23.42 -2.20
CA SER C 99 20.75 24.17 -2.88
C SER C 99 19.95 25.06 -1.93
N ILE C 100 19.72 24.59 -0.70
CA ILE C 100 18.99 25.31 0.32
C ILE C 100 19.96 25.59 1.44
N VAL C 101 20.23 26.89 1.69
CA VAL C 101 21.43 27.35 2.39
C VAL C 101 21.00 28.16 3.62
N ARG C 102 21.39 27.70 4.81
CA ARG C 102 21.06 28.37 6.07
C ARG C 102 22.16 29.35 6.47
N LEU C 103 21.87 30.65 6.42
CA LEU C 103 22.81 31.67 6.87
C LEU C 103 22.42 32.19 8.24
N TYR C 104 23.36 32.16 9.19
CA TYR C 104 23.21 32.82 10.47
C TYR C 104 24.06 34.09 10.44
N VAL C 105 23.43 35.24 10.63
CA VAL C 105 24.09 36.52 10.43
C VAL C 105 23.71 37.44 11.58
N LYS C 106 24.50 38.52 11.73
CA LYS C 106 24.20 39.58 12.67
C LYS C 106 24.49 40.91 12.00
N ARG C 107 23.90 41.97 12.55
CA ARG C 107 24.03 43.30 12.01
C ARG C 107 23.88 44.28 13.16
N ARG C 108 24.42 45.48 12.98
CA ARG C 108 24.26 46.49 14.01
C ARG C 108 22.81 46.89 14.13
N LYS C 109 22.30 46.84 15.36
CA LYS C 109 20.90 47.14 15.65
C LYS C 109 20.52 48.54 15.18
N ASP D 17 -13.86 18.86 -0.83
CA ASP D 17 -13.49 18.78 -2.24
C ASP D 17 -13.76 20.08 -3.01
N TYR D 18 -12.72 20.57 -3.71
CA TYR D 18 -12.81 21.80 -4.46
C TYR D 18 -12.61 21.54 -5.93
N GLU D 19 -13.27 22.37 -6.74
CA GLU D 19 -13.03 22.47 -8.17
C GLU D 19 -12.32 23.79 -8.47
N TYR D 20 -11.40 23.78 -9.43
CA TYR D 20 -10.60 24.94 -9.78
C TYR D 20 -10.89 25.38 -11.22
N GLU D 21 -10.91 26.68 -11.45
CA GLU D 21 -11.07 27.16 -12.81
C GLU D 21 -10.29 28.47 -12.99
N GLU D 22 -9.76 28.67 -14.19
CA GLU D 22 -9.19 29.94 -14.58
C GLU D 22 -10.16 30.64 -15.52
N ILE D 23 -10.52 31.88 -15.18
CA ILE D 23 -11.55 32.63 -15.87
C ILE D 23 -10.94 33.97 -16.28
N THR D 24 -11.01 34.29 -17.56
CA THR D 24 -10.47 35.53 -18.08
C THR D 24 -11.62 36.41 -18.52
N LEU D 25 -11.62 37.66 -18.05
CA LEU D 25 -12.73 38.60 -18.29
C LEU D 25 -12.26 39.89 -18.96
N GLU D 26 -13.11 40.41 -19.83
CA GLU D 26 -12.92 41.72 -20.42
C GLU D 26 -13.75 42.73 -19.63
N ARG D 27 -13.11 43.77 -19.13
CA ARG D 27 -13.79 44.73 -18.28
C ARG D 27 -14.77 45.58 -19.07
N GLY D 28 -15.94 45.85 -18.48
CA GLY D 28 -16.97 46.66 -19.09
C GLY D 28 -17.09 48.06 -18.48
N ASN D 29 -18.11 48.78 -18.95
CA ASN D 29 -18.34 50.10 -18.41
C ASN D 29 -18.84 50.04 -16.96
N SER D 30 -19.41 48.93 -16.54
CA SER D 30 -19.88 48.74 -15.17
C SER D 30 -18.92 47.90 -14.33
N GLY D 31 -17.65 47.84 -14.74
CA GLY D 31 -16.68 47.07 -14.02
C GLY D 31 -16.68 45.62 -14.46
N LEU D 32 -16.17 44.76 -13.58
CA LEU D 32 -16.12 43.35 -13.90
C LEU D 32 -17.46 42.65 -13.78
N GLY D 33 -18.45 43.28 -13.15
CA GLY D 33 -19.80 42.74 -13.09
C GLY D 33 -20.05 41.65 -12.07
N PHE D 34 -19.42 41.72 -10.89
CA PHE D 34 -19.74 40.87 -9.76
C PHE D 34 -19.36 41.63 -8.49
N SER D 35 -19.76 41.08 -7.33
CA SER D 35 -19.40 41.66 -6.04
C SER D 35 -18.58 40.65 -5.24
N ILE D 36 -17.66 41.16 -4.40
CA ILE D 36 -16.85 40.31 -3.55
C ILE D 36 -17.08 40.67 -2.09
N ALA D 37 -17.06 39.65 -1.23
CA ALA D 37 -16.99 39.83 0.21
C ALA D 37 -15.83 39.02 0.77
N GLY D 38 -15.32 39.47 1.93
CA GLY D 38 -14.23 38.82 2.64
C GLY D 38 -13.01 39.71 2.75
N GLY D 39 -11.93 39.13 3.24
CA GLY D 39 -10.71 39.84 3.57
C GLY D 39 -10.27 39.54 4.99
N THR D 40 -9.04 39.98 5.29
CA THR D 40 -8.54 39.70 6.63
C THR D 40 -9.21 40.61 7.66
N ASP D 41 -9.53 41.84 7.28
CA ASP D 41 -10.16 42.80 8.18
C ASP D 41 -11.68 42.77 8.10
N ASN D 42 -12.27 41.92 7.29
CA ASN D 42 -13.72 41.92 7.20
C ASN D 42 -14.23 40.55 6.75
N PRO D 43 -13.92 39.47 7.46
CA PRO D 43 -14.19 38.12 6.93
C PRO D 43 -15.67 37.89 6.66
N HIS D 44 -15.96 37.36 5.48
CA HIS D 44 -17.33 37.06 5.07
C HIS D 44 -17.90 35.89 5.87
N ILE D 45 -17.10 34.83 6.03
CA ILE D 45 -17.47 33.62 6.78
C ILE D 45 -16.58 33.54 8.01
N GLY D 46 -17.12 33.00 9.10
CA GLY D 46 -16.36 32.88 10.33
C GLY D 46 -14.96 32.28 10.19
N ASP D 47 -13.93 33.00 10.67
CA ASP D 47 -12.53 32.54 10.68
C ASP D 47 -11.97 32.26 9.28
N ASP D 48 -12.54 32.88 8.25
CA ASP D 48 -12.10 32.62 6.88
C ASP D 48 -11.85 33.95 6.20
N SER D 49 -10.60 34.19 5.80
CA SER D 49 -10.24 35.46 5.22
C SER D 49 -10.54 35.53 3.72
N SER D 50 -10.99 34.44 3.10
CA SER D 50 -11.00 34.35 1.65
C SER D 50 -11.88 35.43 1.03
N ILE D 51 -11.63 35.68 -0.25
CA ILE D 51 -12.44 36.62 -1.02
C ILE D 51 -13.50 35.81 -1.75
N PHE D 52 -14.76 36.02 -1.40
CA PHE D 52 -15.86 35.30 -2.01
C PHE D 52 -16.62 36.21 -2.97
N ILE D 53 -17.03 35.64 -4.10
CA ILE D 53 -17.99 36.30 -5.00
C ILE D 53 -19.38 36.11 -4.42
N THR D 54 -20.08 37.21 -4.19
CA THR D 54 -21.39 37.11 -3.57
C THR D 54 -22.55 37.34 -4.54
N LYS D 55 -22.30 37.88 -5.72
CA LYS D 55 -23.38 38.04 -6.67
C LYS D 55 -22.79 38.32 -8.04
N ILE D 56 -23.47 37.81 -9.05
CA ILE D 56 -23.09 38.02 -10.44
C ILE D 56 -24.18 38.87 -11.06
N ILE D 57 -23.82 40.10 -11.45
CA ILE D 57 -24.77 41.09 -11.93
C ILE D 57 -25.30 40.70 -13.30
N THR D 58 -26.62 40.65 -13.43
CA THR D 58 -27.25 40.37 -14.72
C THR D 58 -26.77 41.34 -15.76
N GLY D 59 -26.38 40.83 -16.93
CA GLY D 59 -25.92 41.66 -18.01
C GLY D 59 -24.46 42.07 -17.97
N GLY D 60 -23.76 41.86 -16.85
CA GLY D 60 -22.39 42.31 -16.73
C GLY D 60 -21.39 41.35 -17.33
N ALA D 61 -20.12 41.76 -17.31
CA ALA D 61 -19.05 40.96 -17.92
C ALA D 61 -19.01 39.57 -17.32
N ALA D 62 -18.94 39.46 -15.99
CA ALA D 62 -18.90 38.14 -15.38
C ALA D 62 -20.07 37.31 -15.83
N ALA D 63 -21.24 37.94 -16.02
CA ALA D 63 -22.44 37.20 -16.37
C ALA D 63 -22.39 36.65 -17.78
N GLN D 64 -21.90 37.47 -18.73
CA GLN D 64 -21.86 37.02 -20.12
C GLN D 64 -20.76 35.99 -20.36
N ASP D 65 -19.66 36.04 -19.61
CA ASP D 65 -18.65 34.99 -19.70
C ASP D 65 -19.22 33.65 -19.27
N GLY D 66 -20.11 33.66 -18.26
CA GLY D 66 -20.86 32.48 -17.87
C GLY D 66 -20.14 31.47 -17.01
N ARG D 67 -18.90 31.73 -16.61
CA ARG D 67 -18.12 30.74 -15.87
C ARG D 67 -18.04 31.00 -14.36
N LEU D 68 -18.07 32.25 -13.94
CA LEU D 68 -17.99 32.56 -12.52
C LEU D 68 -19.33 32.21 -11.88
N ARG D 69 -19.27 31.78 -10.61
CA ARG D 69 -20.46 31.42 -9.86
C ARG D 69 -20.42 32.12 -8.51
N VAL D 70 -21.62 32.27 -7.92
CA VAL D 70 -21.74 32.82 -6.57
C VAL D 70 -21.12 31.87 -5.56
N ASN D 71 -20.38 32.42 -4.61
CA ASN D 71 -19.61 31.75 -3.57
C ASN D 71 -18.30 31.17 -4.12
N ASP D 72 -17.93 31.50 -5.35
CA ASP D 72 -16.58 31.20 -5.84
C ASP D 72 -15.55 31.91 -4.98
N CYS D 73 -14.45 31.22 -4.69
CA CYS D 73 -13.38 31.79 -3.88
C CYS D 73 -12.24 32.20 -4.80
N ILE D 74 -11.89 33.49 -4.77
CA ILE D 74 -10.86 34.05 -5.65
C ILE D 74 -9.50 33.86 -5.00
N LEU D 75 -8.64 33.04 -5.63
CA LEU D 75 -7.31 32.74 -5.11
C LEU D 75 -6.26 33.69 -5.63
N ARG D 76 -6.39 34.10 -6.89
CA ARG D 76 -5.40 34.94 -7.53
C ARG D 76 -6.08 35.80 -8.58
N VAL D 77 -5.66 37.06 -8.64
CA VAL D 77 -6.08 38.02 -9.67
C VAL D 77 -4.84 38.34 -10.49
N ASN D 78 -4.82 37.87 -11.74
CA ASN D 78 -3.58 37.88 -12.51
C ASN D 78 -2.55 37.14 -11.65
N GLU D 79 -1.41 37.76 -11.34
CA GLU D 79 -0.40 37.10 -10.50
C GLU D 79 -0.49 37.48 -9.03
N VAL D 80 -1.40 38.36 -8.63
CA VAL D 80 -1.49 38.79 -7.24
C VAL D 80 -2.24 37.73 -6.45
N ASP D 81 -1.57 37.16 -5.43
CA ASP D 81 -2.20 36.24 -4.49
C ASP D 81 -3.15 36.97 -3.53
N VAL D 82 -4.46 36.67 -3.61
CA VAL D 82 -5.43 37.31 -2.74
C VAL D 82 -6.10 36.31 -1.78
N ARG D 83 -5.45 35.18 -1.49
CA ARG D 83 -5.98 34.28 -0.46
C ARG D 83 -5.93 34.92 0.95
N ASP D 84 -4.98 35.83 1.21
CA ASP D 84 -4.79 36.39 2.55
C ASP D 84 -4.41 37.89 2.48
N VAL D 85 -5.34 38.70 1.99
CA VAL D 85 -5.15 40.14 1.90
C VAL D 85 -6.30 40.83 2.62
N THR D 86 -6.17 42.13 2.83
CA THR D 86 -7.32 42.85 3.35
C THR D 86 -8.40 42.96 2.28
N HIS D 87 -9.57 43.43 2.69
CA HIS D 87 -10.65 43.51 1.73
C HIS D 87 -10.34 44.55 0.67
N SER D 88 -9.86 45.73 1.08
CA SER D 88 -9.63 46.79 0.10
C SER D 88 -8.38 46.52 -0.75
N LYS D 89 -7.46 45.68 -0.28
CA LYS D 89 -6.41 45.22 -1.17
C LYS D 89 -6.98 44.26 -2.22
N ALA D 90 -7.93 43.42 -1.81
CA ALA D 90 -8.57 42.56 -2.81
C ALA D 90 -9.35 43.40 -3.82
N VAL D 91 -9.99 44.47 -3.36
CA VAL D 91 -10.71 45.36 -4.27
C VAL D 91 -9.73 46.08 -5.20
N GLU D 92 -8.58 46.53 -4.67
CA GLU D 92 -7.63 47.26 -5.51
C GLU D 92 -6.88 46.34 -6.45
N ALA D 93 -6.76 45.05 -6.12
CA ALA D 93 -6.18 44.11 -7.09
C ALA D 93 -7.11 43.90 -8.27
N LEU D 94 -8.42 43.80 -8.02
CA LEU D 94 -9.39 43.64 -9.09
C LEU D 94 -9.53 44.93 -9.90
N LYS D 95 -9.63 46.06 -9.20
CA LYS D 95 -9.76 47.34 -9.87
C LYS D 95 -8.57 47.64 -10.76
N GLU D 96 -7.36 47.28 -10.32
CA GLU D 96 -6.13 47.62 -11.04
C GLU D 96 -5.56 46.45 -11.82
N ALA D 97 -6.40 45.53 -12.29
CA ALA D 97 -5.91 44.33 -12.96
C ALA D 97 -5.83 44.50 -14.46
N GLY D 98 -6.28 45.62 -14.99
CA GLY D 98 -6.26 45.87 -16.41
C GLY D 98 -7.60 45.65 -17.07
N SER D 99 -7.59 45.69 -18.40
CA SER D 99 -8.80 45.45 -19.18
C SER D 99 -9.07 43.97 -19.38
N ILE D 100 -8.04 43.14 -19.38
CA ILE D 100 -8.18 41.70 -19.48
C ILE D 100 -7.67 41.10 -18.18
N VAL D 101 -8.58 40.55 -17.39
CA VAL D 101 -8.31 40.11 -16.03
C VAL D 101 -8.48 38.60 -15.96
N ARG D 102 -7.43 37.90 -15.53
CA ARG D 102 -7.52 36.46 -15.35
C ARG D 102 -7.66 36.15 -13.86
N LEU D 103 -8.75 35.50 -13.51
CA LEU D 103 -9.04 35.11 -12.14
C LEU D 103 -8.81 33.63 -12.01
N TYR D 104 -8.10 33.25 -10.95
CA TYR D 104 -7.95 31.88 -10.54
C TYR D 104 -8.87 31.70 -9.33
N VAL D 105 -9.88 30.86 -9.45
CA VAL D 105 -10.92 30.70 -8.45
C VAL D 105 -11.04 29.23 -8.05
N LYS D 106 -11.61 28.99 -6.87
CA LYS D 106 -11.97 27.63 -6.48
C LYS D 106 -13.38 27.62 -5.93
N ARG D 107 -14.03 26.46 -6.04
CA ARG D 107 -15.40 26.30 -5.58
C ARG D 107 -15.60 24.89 -5.05
N ARG D 108 -16.60 24.74 -4.20
CA ARG D 108 -16.93 23.45 -3.62
C ARG D 108 -17.59 22.57 -4.68
N LYS D 109 -17.11 21.34 -4.81
CA LYS D 109 -17.69 20.41 -5.77
C LYS D 109 -18.97 19.82 -5.18
N ASP E 17 2.41 -2.83 15.84
CA ASP E 17 3.67 -3.22 15.21
C ASP E 17 4.29 -4.45 15.90
N TYR E 18 4.82 -5.39 15.10
CA TYR E 18 5.23 -6.70 15.57
C TYR E 18 6.69 -6.99 15.24
N GLU E 19 7.31 -7.79 16.10
CA GLU E 19 8.64 -8.35 15.93
C GLU E 19 8.50 -9.85 15.66
N TYR E 20 9.34 -10.40 14.79
CA TYR E 20 9.25 -11.80 14.37
C TYR E 20 10.47 -12.58 14.81
N GLU E 21 10.30 -13.86 15.11
CA GLU E 21 11.45 -14.69 15.42
C GLU E 21 11.21 -16.15 15.07
N GLU E 22 12.26 -16.79 14.54
CA GLU E 22 12.32 -18.24 14.38
C GLU E 22 13.06 -18.81 15.57
N ILE E 23 12.45 -19.79 16.23
CA ILE E 23 13.00 -20.39 17.44
C ILE E 23 13.01 -21.90 17.26
N THR E 24 14.14 -22.52 17.60
CA THR E 24 14.33 -23.96 17.46
C THR E 24 14.50 -24.56 18.85
N LEU E 25 13.57 -25.44 19.23
CA LEU E 25 13.56 -26.08 20.54
C LEU E 25 13.93 -27.56 20.44
N GLU E 26 14.59 -28.03 21.49
CA GLU E 26 14.90 -29.43 21.68
C GLU E 26 13.92 -29.99 22.72
N ARG E 27 13.13 -30.98 22.32
CA ARG E 27 12.14 -31.52 23.22
C ARG E 27 12.84 -32.10 24.44
N GLY E 28 12.23 -31.89 25.61
CA GLY E 28 12.69 -32.44 26.87
C GLY E 28 11.73 -33.48 27.40
N ASN E 29 12.06 -34.00 28.59
CA ASN E 29 11.28 -35.10 29.14
C ASN E 29 9.89 -34.66 29.59
N SER E 30 9.72 -33.39 29.90
CA SER E 30 8.40 -32.81 30.14
C SER E 30 7.90 -32.00 28.96
N GLY E 31 8.31 -32.36 27.75
CA GLY E 31 7.86 -31.66 26.56
C GLY E 31 8.69 -30.44 26.23
N LEU E 32 8.08 -29.55 25.45
CA LEU E 32 8.73 -28.31 25.04
C LEU E 32 8.74 -27.26 26.14
N GLY E 33 7.99 -27.46 27.22
CA GLY E 33 8.12 -26.63 28.39
C GLY E 33 7.47 -25.28 28.30
N PHE E 34 6.34 -25.17 27.61
CA PHE E 34 5.50 -23.98 27.68
C PHE E 34 4.04 -24.39 27.54
N SER E 35 3.13 -23.43 27.71
CA SER E 35 1.69 -23.68 27.68
C SER E 35 1.06 -22.75 26.66
N ILE E 36 0.02 -23.23 25.99
CA ILE E 36 -0.62 -22.47 24.94
C ILE E 36 -2.12 -22.37 25.17
N ALA E 37 -2.68 -21.23 24.82
CA ALA E 37 -4.12 -21.02 24.73
C ALA E 37 -4.47 -20.52 23.35
N GLY E 38 -5.70 -20.80 22.90
CA GLY E 38 -6.27 -20.16 21.74
C GLY E 38 -6.78 -21.17 20.75
N GLY E 39 -7.03 -20.70 19.53
CA GLY E 39 -7.58 -21.53 18.48
C GLY E 39 -9.01 -21.10 18.13
N THR E 40 -9.44 -21.53 16.95
CA THR E 40 -10.72 -21.04 16.44
C THR E 40 -11.88 -21.44 17.34
N ASP E 41 -11.76 -22.54 18.08
CA ASP E 41 -12.83 -23.01 18.94
C ASP E 41 -12.59 -22.66 20.40
N ASN E 42 -11.57 -21.89 20.67
CA ASN E 42 -11.28 -21.52 22.03
C ASN E 42 -10.55 -20.19 22.10
N PRO E 43 -11.08 -19.10 21.52
CA PRO E 43 -10.36 -17.82 21.54
C PRO E 43 -9.88 -17.38 22.93
N HIS E 44 -8.55 -17.26 23.06
CA HIS E 44 -7.94 -16.71 24.27
C HIS E 44 -8.26 -15.23 24.42
N ILE E 45 -8.18 -14.48 23.32
CA ILE E 45 -8.52 -13.06 23.24
C ILE E 45 -9.83 -12.92 22.47
N GLY E 46 -10.51 -11.79 22.68
CA GLY E 46 -11.72 -11.51 21.94
C GLY E 46 -11.47 -11.46 20.45
N ASP E 47 -12.26 -12.21 19.67
CA ASP E 47 -12.22 -12.16 18.21
C ASP E 47 -10.84 -12.48 17.64
N ASP E 48 -9.97 -13.17 18.40
CA ASP E 48 -8.64 -13.54 17.93
C ASP E 48 -8.42 -15.03 18.17
N SER E 49 -8.33 -15.80 17.10
CA SER E 49 -8.20 -17.23 17.21
C SER E 49 -6.74 -17.69 17.21
N SER E 50 -5.79 -16.77 17.40
CA SER E 50 -4.37 -17.10 17.39
C SER E 50 -4.01 -18.02 18.56
N ILE E 51 -2.86 -18.69 18.42
CA ILE E 51 -2.30 -19.54 19.46
C ILE E 51 -1.29 -18.72 20.24
N PHE E 52 -1.54 -18.50 21.53
CA PHE E 52 -0.66 -17.68 22.37
C PHE E 52 0.04 -18.54 23.40
N ILE E 53 1.32 -18.28 23.60
CA ILE E 53 2.06 -18.85 24.72
C ILE E 53 1.63 -18.12 25.98
N THR E 54 1.11 -18.87 26.96
CA THR E 54 0.66 -18.29 28.21
C THR E 54 1.55 -18.59 29.39
N LYS E 55 2.58 -19.43 29.22
CA LYS E 55 3.45 -19.77 30.33
C LYS E 55 4.74 -20.35 29.80
N ILE E 56 5.84 -20.01 30.45
CA ILE E 56 7.15 -20.60 30.18
C ILE E 56 7.58 -21.25 31.48
N ILE E 57 7.63 -22.60 31.49
CA ILE E 57 7.85 -23.38 32.71
C ILE E 57 9.31 -23.29 33.15
N THR E 58 9.53 -22.90 34.41
CA THR E 58 10.88 -22.72 34.93
C THR E 58 11.69 -23.99 34.77
N GLY E 59 12.91 -23.85 34.23
CA GLY E 59 13.77 -24.98 34.00
C GLY E 59 13.42 -25.86 32.81
N GLY E 60 12.35 -25.57 32.07
CA GLY E 60 11.98 -26.38 30.94
C GLY E 60 12.70 -25.97 29.65
N ALA E 61 12.37 -26.71 28.58
CA ALA E 61 13.06 -26.49 27.31
C ALA E 61 12.93 -25.05 26.85
N ALA E 62 11.69 -24.54 26.79
CA ALA E 62 11.51 -23.18 26.30
C ALA E 62 12.25 -22.20 27.18
N ALA E 63 12.31 -22.47 28.48
CA ALA E 63 12.98 -21.58 29.42
C ALA E 63 14.48 -21.59 29.20
N GLN E 64 15.07 -22.78 29.02
CA GLN E 64 16.51 -22.83 28.91
C GLN E 64 16.98 -22.26 27.59
N ASP E 65 16.24 -22.52 26.52
CA ASP E 65 16.58 -21.91 25.23
C ASP E 65 16.58 -20.40 25.34
N GLY E 66 15.60 -19.84 26.05
CA GLY E 66 15.66 -18.45 26.49
C GLY E 66 14.99 -17.44 25.58
N ARG E 67 14.48 -17.85 24.42
CA ARG E 67 13.99 -16.94 23.40
C ARG E 67 12.48 -16.75 23.37
N LEU E 68 11.69 -17.78 23.68
CA LEU E 68 10.24 -17.58 23.73
C LEU E 68 9.90 -16.66 24.90
N ARG E 69 8.75 -15.99 24.77
CA ARG E 69 8.25 -15.05 25.76
C ARG E 69 6.76 -15.31 25.91
N VAL E 70 6.21 -14.91 27.06
CA VAL E 70 4.78 -15.06 27.28
C VAL E 70 4.02 -14.09 26.37
N ASN E 71 2.91 -14.57 25.79
CA ASN E 71 2.02 -13.87 24.87
C ASN E 71 2.57 -13.89 23.45
N ASP E 72 3.79 -14.36 23.23
CA ASP E 72 4.23 -14.68 21.88
C ASP E 72 3.13 -15.44 21.17
N CYS E 73 2.92 -15.13 19.90
CA CYS E 73 1.86 -15.73 19.11
C CYS E 73 2.51 -16.67 18.10
N ILE E 74 2.15 -17.95 18.16
CA ILE E 74 2.76 -18.96 17.30
C ILE E 74 2.09 -18.95 15.92
N LEU E 75 2.89 -18.72 14.88
CA LEU E 75 2.42 -18.67 13.50
C LEU E 75 2.58 -19.98 12.77
N ARG E 76 3.67 -20.68 12.99
CA ARG E 76 3.98 -21.88 12.25
C ARG E 76 4.73 -22.82 13.19
N VAL E 77 4.44 -24.12 13.07
CA VAL E 77 5.13 -25.15 13.81
C VAL E 77 5.71 -26.10 12.76
N ASN E 78 7.03 -26.08 12.62
CA ASN E 78 7.72 -26.69 11.48
C ASN E 78 7.10 -26.05 10.24
N GLU E 79 6.42 -26.78 9.36
CA GLU E 79 5.78 -26.12 8.21
C GLU E 79 4.27 -26.06 8.34
N VAL E 80 3.70 -26.52 9.46
CA VAL E 80 2.26 -26.46 9.68
C VAL E 80 1.86 -25.04 10.07
N ASP E 81 0.85 -24.50 9.40
CA ASP E 81 0.35 -23.15 9.65
C ASP E 81 -0.74 -23.21 10.72
N VAL E 82 -0.43 -22.73 11.93
CA VAL E 82 -1.40 -22.74 13.02
C VAL E 82 -2.02 -21.35 13.25
N ARG E 83 -1.96 -20.46 12.26
CA ARG E 83 -2.62 -19.18 12.45
C ARG E 83 -4.14 -19.30 12.52
N ASP E 84 -4.71 -20.41 12.06
CA ASP E 84 -6.16 -20.50 11.89
C ASP E 84 -6.63 -21.93 12.13
N VAL E 85 -6.26 -22.49 13.28
CA VAL E 85 -6.56 -23.89 13.56
C VAL E 85 -7.32 -24.01 14.87
N THR E 86 -7.96 -25.17 15.05
CA THR E 86 -8.56 -25.47 16.34
C THR E 86 -7.44 -25.64 17.36
N HIS E 87 -7.83 -25.62 18.63
CA HIS E 87 -6.83 -25.74 19.70
C HIS E 87 -6.24 -27.14 19.73
N SER E 88 -7.08 -28.16 19.57
CA SER E 88 -6.56 -29.52 19.56
C SER E 88 -5.58 -29.71 18.41
N LYS E 89 -5.85 -29.07 17.26
CA LYS E 89 -4.95 -29.20 16.13
C LYS E 89 -3.60 -28.56 16.42
N ALA E 90 -3.62 -27.35 16.96
CA ALA E 90 -2.38 -26.68 17.33
C ALA E 90 -1.62 -27.47 18.40
N VAL E 91 -2.32 -28.11 19.34
CA VAL E 91 -1.63 -28.95 20.32
C VAL E 91 -0.97 -30.13 19.63
N GLU E 92 -1.67 -30.70 18.65
CA GLU E 92 -1.12 -31.86 17.96
C GLU E 92 0.02 -31.48 17.02
N ALA E 93 -0.01 -30.27 16.46
CA ALA E 93 1.12 -29.81 15.65
C ALA E 93 2.39 -29.75 16.47
N LEU E 94 2.27 -29.37 17.75
CA LEU E 94 3.41 -29.31 18.65
C LEU E 94 3.80 -30.70 19.17
N LYS E 95 2.82 -31.54 19.49
CA LYS E 95 3.13 -32.89 19.95
C LYS E 95 3.90 -33.68 18.91
N GLU E 96 3.53 -33.53 17.63
CA GLU E 96 4.07 -34.33 16.54
C GLU E 96 5.10 -33.59 15.72
N ALA E 97 5.77 -32.61 16.30
CA ALA E 97 6.81 -31.90 15.55
C ALA E 97 8.14 -32.62 15.59
N GLY E 98 8.26 -33.69 16.36
CA GLY E 98 9.54 -34.34 16.55
C GLY E 98 10.34 -33.71 17.67
N SER E 99 11.63 -34.08 17.68
CA SER E 99 12.53 -33.77 18.79
C SER E 99 13.13 -32.38 18.68
N ILE E 100 13.17 -31.83 17.49
CA ILE E 100 13.75 -30.52 17.23
C ILE E 100 12.66 -29.72 16.53
N VAL E 101 12.02 -28.82 17.26
CA VAL E 101 10.81 -28.15 16.82
C VAL E 101 11.16 -26.75 16.36
N ARG E 102 10.80 -26.43 15.13
CA ARG E 102 10.99 -25.10 14.58
C ARG E 102 9.71 -24.30 14.79
N LEU E 103 9.80 -23.18 15.50
CA LEU E 103 8.64 -22.35 15.75
C LEU E 103 8.87 -20.98 15.15
N TYR E 104 7.86 -20.47 14.46
CA TYR E 104 7.85 -19.13 13.91
C TYR E 104 6.80 -18.35 14.69
N VAL E 105 7.23 -17.29 15.38
CA VAL E 105 6.37 -16.56 16.31
C VAL E 105 6.45 -15.08 15.99
N LYS E 106 5.46 -14.32 16.48
CA LYS E 106 5.53 -12.86 16.43
C LYS E 106 5.02 -12.31 17.75
N ARG E 107 5.46 -11.09 18.07
CA ARG E 107 5.20 -10.48 19.36
C ARG E 107 5.24 -8.96 19.22
N ARG E 108 4.63 -8.29 20.22
CA ARG E 108 4.53 -6.82 20.46
C ARG E 108 3.07 -6.38 20.30
N ASP F 17 -28.20 -33.07 -14.91
CA ASP F 17 -27.84 -32.30 -13.72
C ASP F 17 -26.32 -32.15 -13.53
N TYR F 18 -25.86 -30.91 -13.34
CA TYR F 18 -24.43 -30.59 -13.30
C TYR F 18 -24.12 -29.60 -12.18
N GLU F 19 -22.92 -29.72 -11.61
CA GLU F 19 -22.35 -28.70 -10.73
C GLU F 19 -21.23 -27.97 -11.47
N TYR F 20 -21.09 -26.67 -11.21
CA TYR F 20 -20.13 -25.80 -11.88
C TYR F 20 -19.09 -25.27 -10.90
N GLU F 21 -17.93 -24.88 -11.42
CA GLU F 21 -16.90 -24.31 -10.55
C GLU F 21 -15.90 -23.50 -11.38
N GLU F 22 -15.31 -22.47 -10.75
CA GLU F 22 -14.18 -21.75 -11.33
C GLU F 22 -12.92 -22.14 -10.55
N ILE F 23 -11.84 -22.43 -11.29
CA ILE F 23 -10.63 -22.96 -10.69
C ILE F 23 -9.43 -22.25 -11.32
N THR F 24 -8.71 -21.47 -10.53
CA THR F 24 -7.57 -20.71 -11.02
C THR F 24 -6.29 -21.47 -10.69
N LEU F 25 -5.51 -21.80 -11.71
CA LEU F 25 -4.30 -22.57 -11.54
C LEU F 25 -3.08 -21.72 -11.86
N GLU F 26 -1.98 -22.03 -11.21
CA GLU F 26 -0.69 -21.44 -11.53
C GLU F 26 0.14 -22.45 -12.30
N ARG F 27 0.47 -22.14 -13.55
CA ARG F 27 1.24 -23.06 -14.37
C ARG F 27 2.57 -23.42 -13.72
N GLY F 28 2.91 -24.71 -13.74
CA GLY F 28 4.19 -25.20 -13.25
C GLY F 28 5.08 -25.67 -14.38
N ASN F 29 6.27 -26.14 -14.02
CA ASN F 29 7.24 -26.54 -15.03
C ASN F 29 6.71 -27.63 -15.93
N SER F 30 5.84 -28.49 -15.41
CA SER F 30 5.21 -29.52 -16.22
C SER F 30 3.78 -29.14 -16.56
N GLY F 31 3.54 -27.85 -16.85
CA GLY F 31 2.23 -27.41 -17.29
C GLY F 31 1.21 -27.28 -16.17
N LEU F 32 -0.06 -27.34 -16.57
CA LEU F 32 -1.16 -27.24 -15.61
C LEU F 32 -1.41 -28.54 -14.87
N GLY F 33 -0.81 -29.64 -15.32
CA GLY F 33 -0.82 -30.87 -14.54
C GLY F 33 -2.05 -31.71 -14.70
N PHE F 34 -2.61 -31.78 -15.91
CA PHE F 34 -3.72 -32.67 -16.24
C PHE F 34 -3.73 -32.93 -17.73
N SER F 35 -4.51 -33.94 -18.13
CA SER F 35 -4.69 -34.33 -19.53
C SER F 35 -6.14 -34.18 -19.93
N ILE F 36 -6.37 -33.77 -21.18
CA ILE F 36 -7.71 -33.54 -21.69
C ILE F 36 -7.96 -34.46 -22.87
N ALA F 37 -9.24 -34.75 -23.12
CA ALA F 37 -9.67 -35.48 -24.30
C ALA F 37 -10.87 -34.77 -24.90
N GLY F 38 -11.32 -35.24 -26.07
CA GLY F 38 -12.52 -34.73 -26.68
C GLY F 38 -12.26 -33.63 -27.69
N GLY F 39 -13.35 -33.03 -28.14
CA GLY F 39 -13.37 -32.06 -29.20
C GLY F 39 -14.38 -32.46 -30.27
N THR F 40 -14.67 -31.48 -31.13
CA THR F 40 -15.58 -31.78 -32.24
C THR F 40 -15.00 -32.82 -33.19
N ASP F 41 -13.67 -32.98 -33.20
CA ASP F 41 -13.00 -33.99 -34.01
C ASP F 41 -12.69 -35.28 -33.24
N ASN F 42 -13.51 -35.65 -32.25
CA ASN F 42 -13.38 -36.95 -31.56
C ASN F 42 -14.48 -37.92 -31.99
N ASP F 48 -18.56 -37.31 -26.63
CA ASP F 48 -19.20 -36.39 -27.56
C ASP F 48 -18.20 -35.46 -28.24
N SER F 49 -18.28 -34.17 -27.91
CA SER F 49 -17.36 -33.19 -28.45
C SER F 49 -16.92 -32.14 -27.42
N SER F 50 -17.25 -32.30 -26.14
CA SER F 50 -16.69 -31.41 -25.14
C SER F 50 -15.29 -31.86 -24.75
N ILE F 51 -14.54 -30.93 -24.17
CA ILE F 51 -13.19 -31.16 -23.66
C ILE F 51 -13.27 -31.61 -22.22
N PHE F 52 -12.85 -32.84 -21.92
CA PHE F 52 -12.92 -33.34 -20.55
C PHE F 52 -11.54 -33.78 -20.08
N ILE F 53 -11.34 -33.69 -18.76
CA ILE F 53 -10.07 -34.08 -18.15
C ILE F 53 -10.03 -35.59 -17.99
N THR F 54 -8.96 -36.21 -18.48
CA THR F 54 -8.85 -37.65 -18.36
C THR F 54 -7.91 -38.11 -17.26
N LYS F 55 -7.03 -37.25 -16.76
CA LYS F 55 -6.21 -37.62 -15.60
C LYS F 55 -5.61 -36.41 -14.93
N ILE F 56 -5.35 -36.55 -13.63
CA ILE F 56 -4.75 -35.49 -12.83
C ILE F 56 -3.41 -35.98 -12.33
N ILE F 57 -2.36 -35.19 -12.55
CA ILE F 57 -0.98 -35.64 -12.42
C ILE F 57 -0.52 -35.45 -10.99
N THR F 58 0.02 -36.50 -10.39
CA THR F 58 0.53 -36.42 -9.02
C THR F 58 1.64 -35.38 -8.95
N GLY F 59 1.53 -34.47 -8.01
CA GLY F 59 2.56 -33.46 -7.82
C GLY F 59 2.42 -32.22 -8.67
N GLY F 60 1.46 -32.22 -9.60
CA GLY F 60 1.29 -31.12 -10.51
C GLY F 60 0.44 -30.01 -9.93
N ALA F 61 0.13 -29.04 -10.79
CA ALA F 61 -0.54 -27.85 -10.32
C ALA F 61 -2.02 -28.15 -10.02
N ALA F 62 -2.69 -28.84 -10.94
CA ALA F 62 -4.09 -29.19 -10.69
C ALA F 62 -4.21 -30.04 -9.44
N ALA F 63 -3.27 -30.97 -9.24
CA ALA F 63 -3.36 -31.86 -8.09
C ALA F 63 -3.14 -31.11 -6.79
N GLN F 64 -2.13 -30.23 -6.74
CA GLN F 64 -1.91 -29.45 -5.52
C GLN F 64 -3.07 -28.51 -5.24
N ASP F 65 -3.70 -27.97 -6.29
CA ASP F 65 -4.82 -27.06 -6.06
C ASP F 65 -5.99 -27.81 -5.44
N GLY F 66 -6.24 -29.04 -5.90
CA GLY F 66 -7.16 -29.95 -5.24
C GLY F 66 -8.56 -29.98 -5.81
N ARG F 67 -8.92 -29.09 -6.73
CA ARG F 67 -10.30 -28.94 -7.13
C ARG F 67 -10.68 -29.62 -8.44
N LEU F 68 -9.80 -29.67 -9.43
CA LEU F 68 -10.17 -30.31 -10.68
C LEU F 68 -10.35 -31.80 -10.44
N ARG F 69 -11.27 -32.41 -11.20
CA ARG F 69 -11.51 -33.84 -11.09
C ARG F 69 -11.47 -34.46 -12.47
N VAL F 70 -11.12 -35.75 -12.52
CA VAL F 70 -11.26 -36.52 -13.73
C VAL F 70 -12.72 -36.52 -14.17
N ASN F 71 -12.94 -36.46 -15.49
CA ASN F 71 -14.22 -36.30 -16.16
C ASN F 71 -14.84 -34.93 -15.97
N ASP F 72 -14.16 -34.00 -15.30
CA ASP F 72 -14.59 -32.61 -15.35
C ASP F 72 -14.59 -32.16 -16.79
N CYS F 73 -15.51 -31.26 -17.12
CA CYS F 73 -15.67 -30.80 -18.48
C CYS F 73 -15.33 -29.32 -18.52
N ILE F 74 -14.43 -28.94 -19.42
CA ILE F 74 -13.89 -27.57 -19.46
C ILE F 74 -14.75 -26.73 -20.41
N LEU F 75 -15.35 -25.67 -19.88
CA LEU F 75 -16.24 -24.82 -20.66
C LEU F 75 -15.54 -23.57 -21.17
N ARG F 76 -14.63 -23.01 -20.38
CA ARG F 76 -14.00 -21.76 -20.72
C ARG F 76 -12.60 -21.77 -20.18
N VAL F 77 -11.66 -21.30 -20.99
CA VAL F 77 -10.27 -21.14 -20.61
C VAL F 77 -10.00 -19.64 -20.68
N ASN F 78 -9.99 -18.98 -19.52
CA ASN F 78 -9.98 -17.52 -19.42
C ASN F 78 -11.27 -17.04 -20.06
N GLU F 79 -11.23 -16.18 -21.10
CA GLU F 79 -12.41 -15.76 -21.82
C GLU F 79 -12.58 -16.53 -23.12
N VAL F 80 -11.81 -17.59 -23.34
CA VAL F 80 -11.91 -18.38 -24.55
C VAL F 80 -12.95 -19.48 -24.34
N ASP F 81 -14.06 -19.42 -25.08
CA ASP F 81 -15.11 -20.43 -25.00
C ASP F 81 -14.63 -21.70 -25.70
N VAL F 82 -14.52 -22.80 -24.94
CA VAL F 82 -14.05 -24.07 -25.51
C VAL F 82 -15.15 -25.13 -25.52
N ARG F 83 -16.42 -24.73 -25.42
CA ARG F 83 -17.50 -25.72 -25.37
C ARG F 83 -17.65 -26.45 -26.70
N ASP F 84 -17.26 -25.83 -27.82
CA ASP F 84 -17.50 -26.43 -29.15
C ASP F 84 -16.31 -26.11 -30.06
N VAL F 85 -15.24 -26.88 -29.90
CA VAL F 85 -13.96 -26.57 -30.55
C VAL F 85 -13.26 -27.88 -30.87
N THR F 86 -12.27 -27.80 -31.76
CA THR F 86 -11.45 -28.97 -32.03
C THR F 86 -10.57 -29.26 -30.82
N HIS F 87 -10.08 -30.50 -30.74
CA HIS F 87 -9.10 -30.85 -29.73
C HIS F 87 -7.93 -29.86 -29.73
N SER F 88 -7.38 -29.56 -30.92
CA SER F 88 -6.14 -28.80 -31.00
C SER F 88 -6.33 -27.35 -30.60
N LYS F 89 -7.51 -26.79 -30.81
CA LYS F 89 -7.78 -25.43 -30.36
C LYS F 89 -8.00 -25.39 -28.84
N ALA F 90 -8.58 -26.43 -28.26
CA ALA F 90 -8.55 -26.54 -26.81
C ALA F 90 -7.11 -26.53 -26.29
N VAL F 91 -6.24 -27.30 -26.94
CA VAL F 91 -4.85 -27.42 -26.50
C VAL F 91 -4.13 -26.07 -26.60
N GLU F 92 -4.24 -25.39 -27.75
CA GLU F 92 -3.66 -24.05 -27.86
C GLU F 92 -4.28 -23.09 -26.88
N ALA F 93 -5.56 -23.25 -26.57
CA ALA F 93 -6.20 -22.34 -25.62
C ALA F 93 -5.61 -22.48 -24.23
N LEU F 94 -5.40 -23.73 -23.79
CA LEU F 94 -4.78 -23.96 -22.49
C LEU F 94 -3.29 -23.64 -22.53
N LYS F 95 -2.64 -24.00 -23.64
CA LYS F 95 -1.21 -23.76 -23.78
C LYS F 95 -0.88 -22.27 -23.69
N GLU F 96 -1.73 -21.42 -24.28
CA GLU F 96 -1.53 -19.98 -24.34
C GLU F 96 -2.47 -19.24 -23.39
N ALA F 97 -2.67 -19.75 -22.17
CA ALA F 97 -3.50 -19.04 -21.22
C ALA F 97 -2.69 -18.19 -20.25
N GLY F 98 -1.37 -18.31 -20.27
CA GLY F 98 -0.55 -17.58 -19.35
C GLY F 98 -0.20 -18.41 -18.13
N SER F 99 0.34 -17.71 -17.13
CA SER F 99 0.81 -18.37 -15.92
C SER F 99 -0.34 -18.67 -14.97
N ILE F 100 -1.31 -17.77 -14.90
CA ILE F 100 -2.45 -17.88 -14.02
C ILE F 100 -3.66 -18.10 -14.92
N VAL F 101 -4.20 -19.31 -14.87
CA VAL F 101 -5.19 -19.82 -15.83
C VAL F 101 -6.52 -19.98 -15.11
N ARG F 102 -7.55 -19.32 -15.61
CA ARG F 102 -8.90 -19.46 -15.07
C ARG F 102 -9.64 -20.52 -15.86
N LEU F 103 -10.17 -21.52 -15.17
CA LEU F 103 -10.96 -22.56 -15.83
C LEU F 103 -12.38 -22.54 -15.29
N TYR F 104 -13.34 -22.50 -16.20
CA TYR F 104 -14.75 -22.65 -15.88
C TYR F 104 -15.17 -24.05 -16.31
N VAL F 105 -15.55 -24.89 -15.35
CA VAL F 105 -15.76 -26.31 -15.57
C VAL F 105 -17.08 -26.72 -14.96
N LYS F 106 -17.60 -27.87 -15.41
CA LYS F 106 -18.78 -28.48 -14.80
C LYS F 106 -18.59 -29.97 -14.75
N ARG F 107 -19.29 -30.61 -13.82
CA ARG F 107 -19.19 -32.06 -13.62
C ARG F 107 -20.56 -32.58 -13.26
N ARG F 108 -20.79 -33.86 -13.54
CA ARG F 108 -22.00 -34.54 -13.08
C ARG F 108 -22.10 -34.43 -11.57
N LYS F 109 -23.20 -33.87 -11.09
CA LYS F 109 -23.43 -33.71 -9.66
C LYS F 109 -23.42 -35.07 -8.97
N PRO F 110 -22.44 -35.36 -8.08
CA PRO F 110 -22.31 -36.65 -7.40
C PRO F 110 -23.45 -36.96 -6.43
N ASN G 12 -29.54 -8.15 29.58
CA ASN G 12 -28.51 -8.94 28.92
C ASN G 12 -29.13 -9.79 27.82
N GLY G 13 -28.48 -9.80 26.66
CA GLY G 13 -29.09 -10.43 25.50
C GLY G 13 -28.44 -11.73 25.08
N THR G 14 -29.20 -12.55 24.36
CA THR G 14 -28.62 -13.71 23.71
C THR G 14 -27.66 -13.24 22.62
N ASP G 15 -26.79 -14.14 22.21
CA ASP G 15 -25.81 -13.81 21.19
C ASP G 15 -25.73 -14.99 20.25
N ALA G 16 -24.87 -14.89 19.25
CA ALA G 16 -24.74 -15.90 18.23
C ALA G 16 -23.36 -16.55 18.35
N ASP G 17 -23.22 -17.72 17.72
CA ASP G 17 -21.91 -18.20 17.36
C ASP G 17 -21.45 -17.50 16.10
N TYR G 18 -20.16 -17.29 15.98
CA TYR G 18 -19.63 -16.44 14.94
C TYR G 18 -18.58 -17.20 14.14
N GLU G 19 -18.68 -17.10 12.83
CA GLU G 19 -17.65 -17.56 11.92
C GLU G 19 -16.78 -16.38 11.53
N TYR G 20 -15.47 -16.59 11.49
CA TYR G 20 -14.53 -15.58 11.09
C TYR G 20 -13.97 -15.89 9.69
N GLU G 21 -13.55 -14.85 9.00
CA GLU G 21 -12.95 -14.98 7.66
C GLU G 21 -11.96 -13.85 7.45
N GLU G 22 -10.88 -14.14 6.71
CA GLU G 22 -9.97 -13.10 6.22
C GLU G 22 -10.25 -12.89 4.73
N ILE G 23 -10.65 -11.68 4.36
CA ILE G 23 -11.01 -11.35 2.98
C ILE G 23 -10.15 -10.17 2.56
N THR G 24 -9.24 -10.41 1.61
CA THR G 24 -8.36 -9.38 1.06
C THR G 24 -8.98 -8.85 -0.22
N LEU G 25 -9.33 -7.58 -0.23
CA LEU G 25 -9.88 -6.96 -1.43
C LEU G 25 -8.79 -6.22 -2.20
N GLU G 26 -8.99 -6.11 -3.50
CA GLU G 26 -8.24 -5.16 -4.31
C GLU G 26 -9.15 -3.97 -4.56
N ARG G 27 -8.63 -2.76 -4.30
CA ARG G 27 -9.45 -1.56 -4.40
C ARG G 27 -9.78 -1.24 -5.85
N GLY G 28 -11.06 -0.96 -6.11
CA GLY G 28 -11.49 -0.48 -7.40
C GLY G 28 -11.51 1.03 -7.48
N ASN G 29 -11.85 1.53 -8.66
CA ASN G 29 -11.86 2.98 -8.86
C ASN G 29 -12.90 3.66 -7.99
N SER G 30 -13.96 2.95 -7.62
CA SER G 30 -15.02 3.49 -6.78
C SER G 30 -14.79 3.16 -5.29
N GLY G 31 -13.57 2.80 -4.92
CA GLY G 31 -13.28 2.37 -3.56
C GLY G 31 -13.51 0.89 -3.34
N LEU G 32 -13.90 0.52 -2.13
CA LEU G 32 -14.08 -0.88 -1.77
C LEU G 32 -15.45 -1.44 -2.13
N GLY G 33 -16.41 -0.60 -2.44
CA GLY G 33 -17.71 -1.06 -2.86
C GLY G 33 -18.61 -1.56 -1.75
N PHE G 34 -18.58 -0.93 -0.58
CA PHE G 34 -19.54 -1.27 0.46
C PHE G 34 -19.65 -0.12 1.46
N SER G 35 -20.71 -0.17 2.27
CA SER G 35 -21.05 0.85 3.26
C SER G 35 -20.99 0.24 4.64
N ILE G 36 -20.62 1.06 5.63
CA ILE G 36 -20.54 0.61 7.01
C ILE G 36 -21.40 1.50 7.89
N ALA G 37 -21.92 0.91 8.96
CA ALA G 37 -22.55 1.65 10.05
C ALA G 37 -21.87 1.28 11.35
N GLY G 38 -22.00 2.15 12.35
CA GLY G 38 -21.56 1.86 13.71
C GLY G 38 -20.30 2.62 14.10
N GLY G 39 -19.86 2.35 15.32
CA GLY G 39 -18.77 3.03 15.98
C GLY G 39 -19.14 3.32 17.43
N THR G 40 -18.12 3.59 18.25
CA THR G 40 -18.36 3.91 19.65
C THR G 40 -19.21 5.17 19.80
N ASP G 41 -19.21 6.05 18.81
CA ASP G 41 -19.97 7.28 18.89
C ASP G 41 -21.38 7.14 18.33
N ASN G 42 -21.77 5.92 17.92
CA ASN G 42 -23.04 5.66 17.25
C ASN G 42 -23.25 4.16 17.10
N PRO G 43 -23.40 3.43 18.21
CA PRO G 43 -23.49 1.98 18.11
C PRO G 43 -24.66 1.56 17.23
N HIS G 44 -24.43 0.55 16.39
CA HIS G 44 -25.43 0.13 15.42
C HIS G 44 -26.51 -0.73 16.08
N ILE G 45 -26.10 -1.77 16.80
CA ILE G 45 -26.98 -2.52 17.67
C ILE G 45 -26.59 -2.20 19.10
N GLY G 46 -27.60 -2.08 19.97
CA GLY G 46 -27.45 -1.54 21.31
C GLY G 46 -26.17 -1.79 22.10
N ASP G 47 -25.47 -0.70 22.43
CA ASP G 47 -24.21 -0.70 23.18
C ASP G 47 -23.07 -1.46 22.49
N ASP G 48 -23.32 -2.07 21.33
CA ASP G 48 -22.29 -2.72 20.53
C ASP G 48 -21.69 -1.70 19.56
N SER G 49 -20.40 -1.44 19.72
CA SER G 49 -19.69 -0.39 18.99
C SER G 49 -19.04 -0.88 17.71
N SER G 50 -19.36 -2.10 17.28
CA SER G 50 -18.70 -2.74 16.16
C SER G 50 -19.05 -2.06 14.84
N ILE G 51 -18.17 -2.26 13.86
CA ILE G 51 -18.36 -1.74 12.50
C ILE G 51 -19.03 -2.81 11.66
N PHE G 52 -20.19 -2.49 11.09
CA PHE G 52 -21.01 -3.45 10.37
C PHE G 52 -21.19 -3.04 8.92
N ILE G 53 -21.08 -4.01 8.02
CA ILE G 53 -21.40 -3.83 6.60
C ILE G 53 -22.92 -3.70 6.45
N THR G 54 -23.39 -2.55 5.98
CA THR G 54 -24.81 -2.42 5.71
C THR G 54 -25.19 -2.60 4.25
N LYS G 55 -24.25 -2.44 3.32
CA LYS G 55 -24.59 -2.51 1.90
C LYS G 55 -23.40 -3.00 1.11
N ILE G 56 -23.68 -3.80 0.09
CA ILE G 56 -22.69 -4.25 -0.89
C ILE G 56 -23.04 -3.56 -2.20
N ILE G 57 -22.22 -2.60 -2.63
CA ILE G 57 -22.52 -1.82 -3.83
C ILE G 57 -22.39 -2.71 -5.05
N THR G 58 -23.39 -2.68 -5.91
CA THR G 58 -23.29 -3.37 -7.19
C THR G 58 -22.11 -2.82 -7.98
N GLY G 59 -21.34 -3.73 -8.59
CA GLY G 59 -20.21 -3.32 -9.41
C GLY G 59 -18.92 -3.07 -8.65
N GLY G 60 -18.98 -2.85 -7.33
CA GLY G 60 -17.79 -2.56 -6.58
C GLY G 60 -16.94 -3.79 -6.30
N ALA G 61 -15.80 -3.56 -5.64
CA ALA G 61 -14.85 -4.63 -5.37
C ALA G 61 -15.42 -5.69 -4.43
N ALA G 62 -16.14 -5.27 -3.38
CA ALA G 62 -16.74 -6.23 -2.46
C ALA G 62 -17.70 -7.16 -3.19
N ALA G 63 -18.52 -6.60 -4.09
CA ALA G 63 -19.47 -7.42 -4.83
C ALA G 63 -18.77 -8.32 -5.83
N GLN G 64 -17.76 -7.80 -6.52
CA GLN G 64 -17.05 -8.62 -7.50
C GLN G 64 -16.25 -9.72 -6.83
N ASP G 65 -15.59 -9.43 -5.70
CA ASP G 65 -14.86 -10.48 -4.99
C ASP G 65 -15.79 -11.57 -4.49
N GLY G 66 -17.01 -11.21 -4.08
CA GLY G 66 -18.06 -12.16 -3.80
C GLY G 66 -18.21 -12.62 -2.37
N ARG G 67 -17.26 -12.33 -1.49
CA ARG G 67 -17.28 -12.99 -0.19
C ARG G 67 -17.94 -12.19 0.92
N LEU G 68 -17.81 -10.86 0.92
CA LEU G 68 -18.42 -10.07 1.99
C LEU G 68 -19.95 -10.13 1.95
N ARG G 69 -20.56 -9.94 3.10
CA ARG G 69 -21.99 -10.11 3.28
C ARG G 69 -22.53 -8.93 4.08
N VAL G 70 -23.78 -8.54 3.81
CA VAL G 70 -24.40 -7.53 4.65
C VAL G 70 -24.46 -8.07 6.07
N ASN G 71 -24.17 -7.21 7.04
CA ASN G 71 -24.16 -7.47 8.49
C ASN G 71 -22.87 -8.15 8.93
N ASP G 72 -21.96 -8.45 8.02
CA ASP G 72 -20.61 -8.79 8.43
C ASP G 72 -20.08 -7.71 9.35
N CYS G 73 -19.47 -8.14 10.44
CA CYS G 73 -18.81 -7.22 11.36
C CYS G 73 -17.33 -7.19 10.99
N ILE G 74 -16.81 -6.00 10.68
CA ILE G 74 -15.40 -5.83 10.35
C ILE G 74 -14.62 -5.62 11.64
N LEU G 75 -13.66 -6.49 11.89
CA LEU G 75 -12.87 -6.39 13.10
C LEU G 75 -11.55 -5.66 12.90
N ARG G 76 -10.97 -5.72 11.71
CA ARG G 76 -9.64 -5.14 11.55
C ARG G 76 -9.41 -4.88 10.06
N VAL G 77 -8.71 -3.80 9.77
CA VAL G 77 -8.51 -3.32 8.41
C VAL G 77 -7.00 -3.22 8.19
N ASN G 78 -6.43 -4.16 7.45
CA ASN G 78 -4.99 -4.31 7.37
C ASN G 78 -4.44 -4.40 8.79
N GLU G 79 -3.57 -3.46 9.19
CA GLU G 79 -3.00 -3.52 10.53
C GLU G 79 -3.77 -2.70 11.56
N VAL G 80 -4.91 -2.09 11.18
CA VAL G 80 -5.67 -1.21 12.07
C VAL G 80 -6.85 -1.99 12.67
N ASP G 81 -6.84 -2.11 14.00
CA ASP G 81 -7.95 -2.67 14.76
C ASP G 81 -9.11 -1.68 14.80
N VAL G 82 -10.32 -2.12 14.45
CA VAL G 82 -11.49 -1.26 14.42
C VAL G 82 -12.63 -1.80 15.29
N ARG G 83 -12.31 -2.67 16.25
CA ARG G 83 -13.38 -3.21 17.10
C ARG G 83 -13.99 -2.13 17.99
N ASP G 84 -13.19 -1.22 18.51
CA ASP G 84 -13.68 -0.27 19.48
C ASP G 84 -13.21 1.15 19.13
N VAL G 85 -13.71 1.70 18.02
CA VAL G 85 -13.28 3.01 17.54
C VAL G 85 -14.50 3.81 17.11
N THR G 86 -14.30 5.11 16.93
CA THR G 86 -15.39 5.95 16.47
C THR G 86 -15.77 5.57 15.04
N HIS G 87 -16.93 6.06 14.60
CA HIS G 87 -17.32 5.82 13.21
C HIS G 87 -16.30 6.42 12.25
N SER G 88 -15.73 7.56 12.63
CA SER G 88 -14.84 8.31 11.74
C SER G 88 -13.50 7.58 11.56
N LYS G 89 -12.94 7.03 12.64
CA LYS G 89 -11.68 6.30 12.52
C LYS G 89 -11.85 5.08 11.63
N ALA G 90 -12.91 4.30 11.86
CA ALA G 90 -13.21 3.21 10.94
C ALA G 90 -13.23 3.70 9.50
N VAL G 91 -14.01 4.74 9.23
CA VAL G 91 -14.14 5.23 7.86
C VAL G 91 -12.79 5.60 7.30
N GLU G 92 -11.99 6.32 8.09
CA GLU G 92 -10.70 6.77 7.59
C GLU G 92 -9.74 5.60 7.41
N ALA G 93 -9.89 4.55 8.22
CA ALA G 93 -8.99 3.41 8.09
C ALA G 93 -9.25 2.67 6.78
N LEU G 94 -10.52 2.54 6.42
CA LEU G 94 -10.88 1.91 5.15
C LEU G 94 -10.43 2.76 3.96
N LYS G 95 -10.59 4.08 4.06
CA LYS G 95 -10.27 4.97 2.95
C LYS G 95 -8.78 5.01 2.64
N GLU G 96 -7.95 4.80 3.64
CA GLU G 96 -6.51 4.99 3.50
C GLU G 96 -5.75 3.66 3.54
N ALA G 97 -6.44 2.53 3.47
CA ALA G 97 -5.74 1.26 3.55
C ALA G 97 -4.91 0.95 2.29
N GLY G 98 -5.06 1.70 1.21
CA GLY G 98 -4.28 1.42 0.01
C GLY G 98 -5.07 0.66 -1.02
N SER G 99 -4.33 0.05 -1.96
CA SER G 99 -4.97 -0.69 -3.03
C SER G 99 -5.28 -2.13 -2.65
N ILE G 100 -4.61 -2.67 -1.65
CA ILE G 100 -4.87 -4.01 -1.14
C ILE G 100 -5.33 -3.86 0.30
N VAL G 101 -6.52 -4.37 0.61
CA VAL G 101 -7.11 -4.19 1.92
C VAL G 101 -7.39 -5.57 2.47
N ARG G 102 -6.56 -6.01 3.41
CA ARG G 102 -6.84 -7.20 4.22
C ARG G 102 -7.92 -6.88 5.24
N LEU G 103 -9.09 -7.50 5.12
CA LEU G 103 -10.18 -7.35 6.08
C LEU G 103 -10.34 -8.62 6.89
N TYR G 104 -10.56 -8.46 8.20
CA TYR G 104 -10.90 -9.56 9.09
C TYR G 104 -12.31 -9.31 9.59
N VAL G 105 -13.23 -10.24 9.30
CA VAL G 105 -14.65 -10.03 9.54
C VAL G 105 -15.19 -11.21 10.33
N LYS G 106 -16.35 -11.00 10.94
CA LYS G 106 -17.06 -12.10 11.57
C LYS G 106 -18.54 -11.99 11.22
N ARG G 107 -19.18 -13.14 11.06
CA ARG G 107 -20.60 -13.17 10.78
C ARG G 107 -21.26 -14.21 11.68
N ARG G 108 -22.53 -13.97 12.00
CA ARG G 108 -23.26 -14.89 12.86
C ARG G 108 -23.46 -16.21 12.13
N LYS G 109 -23.18 -17.33 12.79
CA LYS G 109 -23.62 -18.48 12.03
C LYS G 109 -25.01 -18.90 12.48
N PRO G 110 -25.86 -19.35 11.55
CA PRO G 110 -27.30 -19.48 11.85
C PRO G 110 -27.59 -20.61 12.82
N VAL G 111 -28.82 -20.59 13.36
CA VAL G 111 -29.30 -21.66 14.23
C VAL G 111 -30.72 -22.01 13.83
N ASN H 12 -22.34 38.51 25.58
CA ASN H 12 -22.29 38.77 27.02
C ASN H 12 -20.88 38.57 27.60
N GLY H 13 -19.98 37.93 26.85
CA GLY H 13 -18.57 37.90 27.19
C GLY H 13 -17.81 38.89 26.32
N THR H 14 -16.79 39.52 26.90
CA THR H 14 -15.85 40.29 26.10
C THR H 14 -14.92 39.31 25.38
N ASP H 15 -14.47 39.71 24.19
CA ASP H 15 -13.59 38.87 23.37
C ASP H 15 -12.28 39.62 23.14
N ALA H 16 -11.43 39.06 22.30
CA ALA H 16 -10.22 39.71 21.83
C ALA H 16 -10.25 39.80 20.31
N ASP H 17 -9.35 40.60 19.76
CA ASP H 17 -9.05 40.51 18.33
C ASP H 17 -8.01 39.44 18.09
N TYR H 18 -8.13 38.76 16.96
CA TYR H 18 -7.36 37.56 16.73
C TYR H 18 -6.41 37.78 15.57
N GLU H 19 -5.17 37.37 15.77
CA GLU H 19 -4.19 37.20 14.71
C GLU H 19 -4.35 35.78 14.18
N TYR H 20 -4.30 35.65 12.86
CA TYR H 20 -4.39 34.35 12.21
C TYR H 20 -3.03 34.00 11.63
N GLU H 21 -2.74 32.70 11.54
CA GLU H 21 -1.49 32.24 10.96
C GLU H 21 -1.71 30.84 10.40
N GLU H 22 -0.94 30.51 9.37
CA GLU H 22 -0.96 29.19 8.76
C GLU H 22 0.42 28.58 8.98
N ILE H 23 0.46 27.45 9.67
CA ILE H 23 1.69 26.82 10.10
C ILE H 23 1.69 25.41 9.53
N THR H 24 2.62 25.13 8.59
CA THR H 24 2.80 23.80 7.99
C THR H 24 3.90 23.10 8.78
N LEU H 25 3.55 22.06 9.53
CA LEU H 25 4.49 21.29 10.32
C LEU H 25 4.96 20.08 9.55
N GLU H 26 6.16 19.60 9.87
CA GLU H 26 6.61 18.29 9.43
C GLU H 26 6.61 17.36 10.64
N ARG H 27 5.90 16.24 10.53
CA ARG H 27 5.73 15.33 11.65
C ARG H 27 7.03 14.60 11.97
N GLY H 28 7.34 14.51 13.28
CA GLY H 28 8.42 13.68 13.75
C GLY H 28 7.92 12.31 14.15
N ASN H 29 8.83 11.49 14.66
CA ASN H 29 8.42 10.16 15.07
C ASN H 29 7.43 10.18 16.22
N SER H 30 7.53 11.17 17.11
CA SER H 30 6.64 11.29 18.27
C SER H 30 5.40 12.13 17.99
N GLY H 31 4.94 12.20 16.74
CA GLY H 31 3.80 13.05 16.43
C GLY H 31 4.18 14.50 16.19
N LEU H 32 3.19 15.38 16.35
CA LEU H 32 3.36 16.79 16.06
C LEU H 32 4.01 17.56 17.19
N GLY H 33 4.01 17.03 18.41
CA GLY H 33 4.70 17.68 19.50
C GLY H 33 3.92 18.72 20.27
N PHE H 34 2.60 18.58 20.36
CA PHE H 34 1.80 19.43 21.22
C PHE H 34 0.57 18.66 21.70
N SER H 35 -0.10 19.22 22.71
CA SER H 35 -1.33 18.66 23.28
C SER H 35 -2.47 19.63 23.05
N ILE H 36 -3.68 19.10 22.93
CA ILE H 36 -4.85 19.92 22.69
C ILE H 36 -5.91 19.64 23.74
N ALA H 37 -6.77 20.63 23.95
CA ALA H 37 -7.99 20.49 24.74
C ALA H 37 -9.12 21.16 23.96
N GLY H 38 -10.35 20.73 24.24
CA GLY H 38 -11.52 21.33 23.65
C GLY H 38 -12.33 20.34 22.83
N GLY H 39 -13.33 20.87 22.12
CA GLY H 39 -14.28 20.03 21.43
C GLY H 39 -15.70 20.21 21.95
N THR H 40 -16.68 19.81 21.15
CA THR H 40 -18.08 20.02 21.54
C THR H 40 -18.45 19.20 22.77
N ASP H 41 -17.91 17.99 22.90
CA ASP H 41 -18.22 17.12 24.02
C ASP H 41 -17.44 17.47 25.28
N ASN H 42 -16.58 18.47 25.23
CA ASN H 42 -15.82 18.91 26.40
C ASN H 42 -15.20 20.28 26.16
N PRO H 43 -15.99 21.36 26.13
CA PRO H 43 -15.43 22.69 25.87
C PRO H 43 -14.38 23.03 26.93
N HIS H 44 -13.46 23.93 26.55
CA HIS H 44 -12.34 24.30 27.41
C HIS H 44 -12.59 25.58 28.19
N ILE H 45 -13.23 26.57 27.57
CA ILE H 45 -13.63 27.79 28.25
C ILE H 45 -15.06 28.11 27.83
N GLY H 46 -15.93 28.36 28.81
CA GLY H 46 -17.33 28.64 28.51
C GLY H 46 -17.99 27.45 27.83
N ASP H 47 -18.82 27.74 26.83
CA ASP H 47 -19.29 26.72 25.90
C ASP H 47 -18.60 26.83 24.54
N ASP H 48 -17.41 27.45 24.52
CA ASP H 48 -16.60 27.54 23.30
C ASP H 48 -16.00 26.16 23.01
N SER H 49 -16.45 25.54 21.92
CA SER H 49 -16.06 24.18 21.58
C SER H 49 -14.72 24.13 20.88
N SER H 50 -13.96 25.21 20.91
CA SER H 50 -12.76 25.27 20.10
C SER H 50 -11.71 24.30 20.60
N ILE H 51 -10.81 23.95 19.68
CA ILE H 51 -9.67 23.10 19.96
C ILE H 51 -8.51 24.01 20.30
N PHE H 52 -7.97 23.87 21.50
CA PHE H 52 -6.92 24.75 21.97
C PHE H 52 -5.67 23.95 22.23
N ILE H 53 -4.53 24.49 21.82
CA ILE H 53 -3.24 23.95 22.20
C ILE H 53 -2.99 24.31 23.66
N THR H 54 -2.74 23.30 24.49
CA THR H 54 -2.50 23.54 25.89
C THR H 54 -1.09 23.14 26.32
N LYS H 55 -0.30 22.53 25.43
CA LYS H 55 1.07 22.18 25.75
C LYS H 55 1.86 22.10 24.46
N ILE H 56 3.13 22.49 24.53
CA ILE H 56 4.06 22.36 23.41
C ILE H 56 5.28 21.60 23.93
N ILE H 57 5.47 20.36 23.43
CA ILE H 57 6.46 19.43 23.98
C ILE H 57 7.85 19.82 23.52
N THR H 58 8.75 20.04 24.48
CA THR H 58 10.14 20.32 24.15
C THR H 58 10.72 19.19 23.32
N GLY H 59 11.49 19.55 22.30
CA GLY H 59 12.05 18.60 21.39
C GLY H 59 11.15 18.22 20.23
N GLY H 60 9.84 18.45 20.34
CA GLY H 60 8.93 18.02 19.32
C GLY H 60 8.89 18.92 18.12
N ALA H 61 8.16 18.47 17.10
CA ALA H 61 8.08 19.23 15.87
C ALA H 61 7.51 20.64 16.09
N ALA H 62 6.52 20.78 16.95
CA ALA H 62 5.93 22.12 17.11
C ALA H 62 6.93 23.07 17.72
N ALA H 63 7.75 22.58 18.67
CA ALA H 63 8.71 23.44 19.36
C ALA H 63 9.84 23.84 18.45
N GLN H 64 10.28 22.93 17.58
CA GLN H 64 11.40 23.21 16.71
C GLN H 64 10.99 24.16 15.58
N ASP H 65 9.77 24.02 15.05
CA ASP H 65 9.30 24.98 14.06
C ASP H 65 9.19 26.38 14.64
N GLY H 66 8.76 26.51 15.89
CA GLY H 66 8.86 27.74 16.63
C GLY H 66 7.64 28.62 16.58
N ARG H 67 6.72 28.36 15.65
CA ARG H 67 5.64 29.32 15.42
C ARG H 67 4.45 29.13 16.36
N LEU H 68 4.06 27.88 16.64
CA LEU H 68 2.90 27.63 17.48
C LEU H 68 3.11 28.17 18.89
N ARG H 69 2.00 28.52 19.55
CA ARG H 69 2.06 29.02 20.92
C ARG H 69 0.96 28.34 21.73
N VAL H 70 1.19 28.23 23.03
CA VAL H 70 0.14 27.72 23.89
C VAL H 70 -1.05 28.66 23.80
N ASN H 71 -2.25 28.09 23.93
CA ASN H 71 -3.56 28.73 23.82
C ASN H 71 -3.93 29.07 22.37
N ASP H 72 -3.04 28.83 21.41
CA ASP H 72 -3.43 28.90 20.01
C ASP H 72 -4.66 28.04 19.75
N CYS H 73 -5.61 28.59 19.00
CA CYS H 73 -6.81 27.86 18.60
C CYS H 73 -6.62 27.29 17.21
N ILE H 74 -6.84 25.98 17.05
CA ILE H 74 -6.65 25.30 15.76
C ILE H 74 -7.98 25.23 15.04
N LEU H 75 -8.04 25.86 13.86
CA LEU H 75 -9.26 25.96 13.07
C LEU H 75 -9.41 24.82 12.06
N ARG H 76 -8.38 24.57 11.25
CA ARG H 76 -8.38 23.47 10.28
C ARG H 76 -7.08 22.69 10.36
N VAL H 77 -7.18 21.39 10.09
CA VAL H 77 -6.04 20.51 9.91
C VAL H 77 -6.11 20.00 8.48
N ASN H 78 -5.19 20.45 7.64
CA ASN H 78 -5.22 20.13 6.21
C ASN H 78 -6.60 20.44 5.61
N GLU H 79 -7.35 19.43 5.19
CA GLU H 79 -8.68 19.63 4.64
C GLU H 79 -9.78 19.66 5.69
N VAL H 80 -9.50 19.18 6.90
CA VAL H 80 -10.53 18.97 7.91
C VAL H 80 -10.71 20.25 8.70
N ASP H 81 -11.96 20.65 8.88
CA ASP H 81 -12.34 21.82 9.67
C ASP H 81 -12.60 21.34 11.10
N VAL H 82 -11.93 21.94 12.08
CA VAL H 82 -12.08 21.49 13.46
C VAL H 82 -12.55 22.64 14.37
N ARG H 83 -13.22 23.63 13.79
CA ARG H 83 -13.83 24.67 14.61
C ARG H 83 -14.92 24.11 15.52
N ASP H 84 -15.75 23.18 15.02
CA ASP H 84 -16.93 22.69 15.76
C ASP H 84 -17.06 21.18 15.60
N VAL H 85 -16.21 20.43 16.30
CA VAL H 85 -16.20 18.97 16.24
C VAL H 85 -15.94 18.46 17.65
N THR H 86 -16.14 17.16 17.86
CA THR H 86 -15.85 16.62 19.18
C THR H 86 -14.35 16.53 19.39
N HIS H 87 -13.96 16.36 20.65
CA HIS H 87 -12.56 16.18 20.98
C HIS H 87 -11.94 15.03 20.19
N SER H 88 -12.69 13.95 20.00
CA SER H 88 -12.15 12.79 19.30
C SER H 88 -11.91 13.10 17.83
N LYS H 89 -12.81 13.85 17.20
CA LYS H 89 -12.65 14.17 15.79
C LYS H 89 -11.38 14.95 15.56
N ALA H 90 -11.15 15.98 16.39
CA ALA H 90 -9.94 16.77 16.25
C ALA H 90 -8.70 15.91 16.44
N VAL H 91 -8.62 15.18 17.55
CA VAL H 91 -7.49 14.27 17.75
C VAL H 91 -7.25 13.44 16.51
N GLU H 92 -8.31 12.79 16.01
CA GLU H 92 -8.21 12.00 14.79
C GLU H 92 -7.62 12.82 13.67
N ALA H 93 -8.16 14.01 13.44
CA ALA H 93 -7.71 14.82 12.33
C ALA H 93 -6.21 15.03 12.39
N LEU H 94 -5.70 15.40 13.57
CA LEU H 94 -4.26 15.66 13.72
C LEU H 94 -3.46 14.38 13.53
N LYS H 95 -3.90 13.30 14.18
CA LYS H 95 -3.15 12.04 14.13
C LYS H 95 -3.18 11.42 12.73
N GLU H 96 -4.26 11.62 12.00
CA GLU H 96 -4.45 11.03 10.69
C GLU H 96 -3.99 11.96 9.57
N ALA H 97 -3.39 13.10 9.90
CA ALA H 97 -3.03 14.07 8.88
C ALA H 97 -1.85 13.65 8.01
N GLY H 98 -1.13 12.61 8.35
CA GLY H 98 0.05 12.29 7.57
C GLY H 98 1.28 13.03 8.05
N SER H 99 2.27 13.13 7.16
CA SER H 99 3.58 13.62 7.54
C SER H 99 3.76 15.12 7.37
N ILE H 100 2.86 15.76 6.61
CA ILE H 100 2.86 17.21 6.36
C ILE H 100 1.49 17.73 6.76
N VAL H 101 1.46 18.72 7.66
CA VAL H 101 0.23 19.10 8.35
C VAL H 101 0.10 20.61 8.27
N ARG H 102 -0.77 21.09 7.38
CA ARG H 102 -1.12 22.50 7.35
C ARG H 102 -2.08 22.81 8.49
N LEU H 103 -1.64 23.62 9.44
CA LEU H 103 -2.46 24.06 10.57
C LEU H 103 -2.82 25.52 10.37
N TYR H 104 -4.11 25.81 10.47
CA TYR H 104 -4.59 27.18 10.46
C TYR H 104 -5.02 27.49 11.88
N VAL H 105 -4.39 28.49 12.49
CA VAL H 105 -4.60 28.80 13.89
C VAL H 105 -4.96 30.27 14.05
N LYS H 106 -5.59 30.58 15.19
CA LYS H 106 -5.78 31.96 15.62
C LYS H 106 -5.46 32.09 17.10
N ARG H 107 -4.96 33.28 17.46
CA ARG H 107 -4.59 33.56 18.84
C ARG H 107 -5.03 34.97 19.18
N ARG H 108 -5.24 35.22 20.47
CA ARG H 108 -5.61 36.55 20.94
C ARG H 108 -4.49 37.54 20.70
N LYS H 109 -4.82 38.68 20.11
CA LYS H 109 -3.85 39.77 19.99
C LYS H 109 -3.86 40.55 21.30
N PRO H 110 -2.75 40.58 22.03
CA PRO H 110 -2.76 41.20 23.35
C PRO H 110 -3.16 42.67 23.28
N VAL H 111 -3.83 43.12 24.33
CA VAL H 111 -4.22 44.52 24.48
C VAL H 111 -3.59 45.02 25.77
N SER H 112 -3.07 46.25 25.73
CA SER H 112 -2.41 46.89 26.88
C SER H 112 -3.35 47.20 28.05
N ASN I 12 24.61 -14.73 -8.68
CA ASN I 12 25.06 -13.46 -8.13
C ASN I 12 25.09 -13.50 -6.59
N GLY I 13 25.34 -12.34 -5.98
CA GLY I 13 25.54 -12.30 -4.55
C GLY I 13 24.37 -11.72 -3.80
N THR I 14 24.25 -12.02 -2.52
CA THR I 14 23.29 -11.32 -1.68
C THR I 14 23.86 -9.97 -1.32
N ASP I 15 22.98 -9.02 -1.03
CA ASP I 15 23.39 -7.63 -0.87
C ASP I 15 22.80 -7.08 0.41
N ALA I 16 23.09 -5.82 0.71
CA ALA I 16 22.59 -5.21 1.93
C ALA I 16 21.66 -4.04 1.60
N ASP I 17 20.79 -3.74 2.56
CA ASP I 17 20.13 -2.45 2.58
C ASP I 17 21.13 -1.40 3.05
N TYR I 18 21.07 -0.21 2.47
CA TYR I 18 22.08 0.81 2.71
C TYR I 18 21.46 2.05 3.32
N GLU I 19 22.09 2.56 4.37
CA GLU I 19 21.79 3.88 4.89
C GLU I 19 22.70 4.90 4.23
N TYR I 20 22.12 6.01 3.82
CA TYR I 20 22.84 7.09 3.16
C TYR I 20 22.97 8.26 4.13
N GLU I 21 24.06 9.01 4.01
CA GLU I 21 24.29 10.12 4.93
C GLU I 21 25.23 11.11 4.26
N GLU I 22 24.90 12.41 4.35
CA GLU I 22 25.76 13.48 3.85
C GLU I 22 26.56 14.07 5.01
N ILE I 23 27.89 14.07 4.87
CA ILE I 23 28.81 14.52 5.90
C ILE I 23 29.75 15.55 5.28
N THR I 24 29.67 16.80 5.74
CA THR I 24 30.52 17.91 5.26
C THR I 24 31.67 18.12 6.24
N LEU I 25 32.89 17.86 5.78
CA LEU I 25 34.08 17.97 6.60
C LEU I 25 34.82 19.28 6.33
N GLU I 26 35.42 19.81 7.37
CA GLU I 26 36.36 20.91 7.22
C GLU I 26 37.77 20.32 7.25
N ARG I 27 38.50 20.49 6.17
CA ARG I 27 39.87 19.98 6.11
C ARG I 27 40.69 20.51 7.28
N GLY I 28 41.59 19.65 7.78
CA GLY I 28 42.65 20.07 8.67
C GLY I 28 43.97 20.14 7.95
N ASN I 29 45.07 20.16 8.72
CA ASN I 29 46.37 20.31 8.08
C ASN I 29 46.86 19.01 7.47
N SER I 30 46.45 17.86 8.02
CA SER I 30 46.82 16.57 7.47
C SER I 30 45.80 16.03 6.48
N GLY I 31 44.89 16.87 5.99
CA GLY I 31 43.87 16.42 5.06
C GLY I 31 42.55 16.10 5.72
N LEU I 32 41.82 15.13 5.16
CA LEU I 32 40.51 14.76 5.65
C LEU I 32 40.56 13.65 6.69
N GLY I 33 41.73 13.06 6.93
CA GLY I 33 41.89 12.08 7.98
C GLY I 33 41.28 10.74 7.73
N PHE I 34 41.30 10.23 6.50
CA PHE I 34 40.92 8.84 6.29
C PHE I 34 41.67 8.26 5.08
N SER I 35 41.73 6.92 5.05
CA SER I 35 42.31 6.15 3.96
C SER I 35 41.19 5.61 3.08
N ILE I 36 41.44 5.56 1.78
CA ILE I 36 40.48 5.02 0.82
C ILE I 36 41.18 3.93 0.00
N ALA I 37 40.38 2.94 -0.37
CA ALA I 37 40.81 1.93 -1.33
C ALA I 37 39.67 1.69 -2.31
N GLY I 38 40.03 1.30 -3.53
CA GLY I 38 39.03 0.97 -4.53
C GLY I 38 39.21 1.80 -5.79
N GLY I 39 38.30 1.55 -6.73
CA GLY I 39 38.29 2.21 -8.02
C GLY I 39 38.02 1.23 -9.14
N THR I 40 37.93 1.76 -10.35
CA THR I 40 37.75 0.90 -11.51
C THR I 40 38.99 0.05 -11.76
N ASP I 41 40.18 0.56 -11.46
CA ASP I 41 41.41 -0.14 -11.79
C ASP I 41 41.93 -1.02 -10.66
N ASN I 42 41.15 -1.24 -9.62
CA ASN I 42 41.60 -2.03 -8.49
C ASN I 42 40.44 -2.27 -7.53
N PRO I 43 39.42 -3.00 -7.95
CA PRO I 43 38.19 -3.08 -7.14
C PRO I 43 38.45 -3.75 -5.78
N HIS I 44 37.97 -3.09 -4.73
CA HIS I 44 37.89 -3.64 -3.38
C HIS I 44 36.87 -4.78 -3.28
N ILE I 45 35.90 -4.82 -4.19
CA ILE I 45 34.73 -5.72 -4.18
C ILE I 45 34.30 -6.12 -2.77
N ASP I 48 32.73 -4.56 -8.23
CA ASP I 48 32.40 -3.31 -7.55
C ASP I 48 33.61 -2.36 -7.56
N SER I 49 33.46 -1.22 -8.22
CA SER I 49 34.55 -0.27 -8.35
C SER I 49 34.49 0.85 -7.33
N SER I 50 33.53 0.81 -6.41
CA SER I 50 33.32 1.90 -5.46
C SER I 50 34.57 2.18 -4.63
N ILE I 51 34.58 3.35 -4.00
CA ILE I 51 35.65 3.79 -3.11
C ILE I 51 35.16 3.64 -1.67
N PHE I 52 35.92 2.89 -0.88
CA PHE I 52 35.56 2.57 0.49
C PHE I 52 36.56 3.17 1.44
N ILE I 53 36.08 3.68 2.57
CA ILE I 53 36.95 4.06 3.66
C ILE I 53 37.52 2.81 4.31
N THR I 54 38.83 2.67 4.28
CA THR I 54 39.44 1.55 4.96
C THR I 54 39.92 1.91 6.36
N LYS I 55 40.04 3.19 6.70
CA LYS I 55 40.75 3.58 7.90
C LYS I 55 40.36 5.01 8.27
N ILE I 56 40.14 5.26 9.55
CA ILE I 56 39.87 6.59 10.09
C ILE I 56 41.06 6.94 10.98
N ILE I 57 41.83 7.95 10.60
CA ILE I 57 43.08 8.27 11.28
C ILE I 57 42.78 9.04 12.56
N THR I 58 43.40 8.64 13.66
CA THR I 58 43.19 9.35 14.92
C THR I 58 43.72 10.77 14.79
N GLY I 59 42.93 11.74 15.25
CA GLY I 59 43.31 13.13 15.22
C GLY I 59 42.97 13.87 13.95
N GLY I 60 42.63 13.18 12.87
CA GLY I 60 42.24 13.84 11.63
C GLY I 60 40.79 14.30 11.66
N ALA I 61 40.41 14.98 10.57
CA ALA I 61 39.13 15.67 10.50
C ALA I 61 37.96 14.71 10.59
N ALA I 62 38.07 13.55 9.92
CA ALA I 62 36.96 12.60 9.94
C ALA I 62 36.77 12.02 11.32
N ALA I 63 37.87 11.78 12.04
CA ALA I 63 37.77 11.29 13.41
C ALA I 63 37.15 12.33 14.32
N GLN I 64 37.63 13.57 14.25
CA GLN I 64 37.10 14.61 15.12
C GLN I 64 35.64 14.87 14.82
N ASP I 65 35.26 14.88 13.53
CA ASP I 65 33.85 15.09 13.21
C ASP I 65 32.99 13.94 13.74
N GLY I 66 33.53 12.73 13.80
CA GLY I 66 32.90 11.64 14.51
C GLY I 66 31.89 10.84 13.72
N ARG I 67 31.60 11.22 12.48
CA ARG I 67 30.49 10.64 11.74
C ARG I 67 30.89 9.55 10.75
N LEU I 68 32.02 9.68 10.06
CA LEU I 68 32.40 8.64 9.10
C LEU I 68 32.73 7.32 9.79
N ARG I 69 32.58 6.21 9.05
CA ARG I 69 32.85 4.88 9.56
C ARG I 69 33.69 4.12 8.55
N VAL I 70 34.49 3.17 9.05
CA VAL I 70 35.23 2.27 8.16
C VAL I 70 34.22 1.47 7.35
N ASN I 71 34.57 1.20 6.08
CA ASN I 71 33.72 0.53 5.10
C ASN I 71 32.60 1.43 4.59
N ASP I 72 32.57 2.70 4.96
CA ASP I 72 31.67 3.63 4.30
C ASP I 72 32.05 3.78 2.83
N CYS I 73 31.07 3.83 1.96
CA CYS I 73 31.30 3.96 0.53
C CYS I 73 31.05 5.42 0.12
N ILE I 74 32.06 6.04 -0.47
CA ILE I 74 31.99 7.44 -0.87
C ILE I 74 31.44 7.49 -2.29
N LEU I 75 30.23 8.04 -2.43
CA LEU I 75 29.61 8.14 -3.75
C LEU I 75 29.92 9.44 -4.46
N ARG I 76 30.04 10.55 -3.73
CA ARG I 76 30.27 11.84 -4.38
C ARG I 76 31.08 12.75 -3.46
N VAL I 77 32.01 13.47 -4.07
CA VAL I 77 32.89 14.42 -3.39
C VAL I 77 32.54 15.81 -3.91
N ASN I 78 31.75 16.57 -3.16
CA ASN I 78 31.22 17.86 -3.61
C ASN I 78 30.38 17.67 -4.86
N GLU I 79 30.88 18.10 -6.02
CA GLU I 79 30.16 17.92 -7.27
C GLU I 79 30.76 16.84 -8.17
N VAL I 80 31.71 16.06 -7.66
CA VAL I 80 32.43 15.06 -8.45
C VAL I 80 31.91 13.67 -8.11
N ASP I 81 31.29 12.99 -9.09
CA ASP I 81 30.85 11.61 -8.90
C ASP I 81 32.04 10.67 -8.92
N VAL I 82 32.17 9.87 -7.87
CA VAL I 82 33.25 8.91 -7.73
C VAL I 82 32.72 7.48 -7.63
N ARG I 83 31.49 7.24 -8.10
CA ARG I 83 30.98 5.87 -8.07
C ARG I 83 31.58 4.99 -9.17
N ASP I 84 32.18 5.56 -10.21
CA ASP I 84 32.73 4.73 -11.30
C ASP I 84 33.99 5.44 -11.80
N VAL I 85 35.01 5.55 -10.96
CA VAL I 85 36.22 6.26 -11.34
C VAL I 85 37.45 5.44 -11.00
N THR I 86 38.55 5.79 -11.63
CA THR I 86 39.83 5.17 -11.31
C THR I 86 40.27 5.60 -9.91
N HIS I 87 41.14 4.78 -9.31
CA HIS I 87 41.55 5.04 -7.94
C HIS I 87 42.28 6.36 -7.83
N SER I 88 43.13 6.70 -8.80
CA SER I 88 43.83 7.96 -8.70
C SER I 88 42.94 9.16 -9.03
N LYS I 89 41.80 8.95 -9.70
CA LYS I 89 40.84 10.04 -9.84
C LYS I 89 40.12 10.32 -8.52
N ALA I 90 39.68 9.26 -7.83
CA ALA I 90 39.08 9.44 -6.51
C ALA I 90 40.03 10.19 -5.58
N VAL I 91 41.28 9.73 -5.48
CA VAL I 91 42.29 10.40 -4.65
C VAL I 91 42.35 11.87 -5.02
N GLU I 92 42.46 12.17 -6.31
CA GLU I 92 42.61 13.54 -6.78
C GLU I 92 41.41 14.39 -6.37
N ALA I 93 40.20 13.85 -6.52
CA ALA I 93 38.99 14.59 -6.19
C ALA I 93 38.99 14.99 -4.72
N LEU I 94 39.36 14.06 -3.83
CA LEU I 94 39.44 14.39 -2.41
C LEU I 94 40.59 15.35 -2.14
N LYS I 95 41.72 15.20 -2.84
CA LYS I 95 42.87 16.06 -2.58
C LYS I 95 42.57 17.51 -2.92
N GLU I 96 41.83 17.75 -3.99
CA GLU I 96 41.61 19.10 -4.49
C GLU I 96 40.22 19.63 -4.19
N ALA I 97 39.47 18.96 -3.32
CA ALA I 97 38.11 19.40 -3.03
C ALA I 97 38.04 20.66 -2.20
N GLY I 98 39.17 21.22 -1.77
CA GLY I 98 39.14 22.44 -0.97
C GLY I 98 38.88 22.20 0.51
N SER I 99 38.56 23.29 1.21
CA SER I 99 38.55 23.24 2.67
C SER I 99 37.22 22.78 3.23
N ILE I 100 36.16 22.79 2.43
CA ILE I 100 34.83 22.33 2.87
C ILE I 100 34.43 21.23 1.90
N VAL I 101 34.47 19.99 2.36
CA VAL I 101 34.27 18.84 1.48
C VAL I 101 32.94 18.18 1.87
N ARG I 102 31.98 18.22 0.96
CA ARG I 102 30.72 17.49 1.08
C ARG I 102 30.90 16.05 0.64
N LEU I 103 30.74 15.11 1.56
CA LEU I 103 30.87 13.69 1.27
C LEU I 103 29.48 13.08 1.29
N TYR I 104 29.10 12.44 0.18
CA TYR I 104 27.91 11.60 0.15
C TYR I 104 28.36 10.15 0.21
N VAL I 105 27.99 9.47 1.30
CA VAL I 105 28.42 8.12 1.60
C VAL I 105 27.20 7.25 1.84
N LYS I 106 27.40 5.93 1.74
CA LYS I 106 26.40 4.97 2.14
C LYS I 106 27.09 3.85 2.92
N ARG I 107 26.33 3.18 3.77
CA ARG I 107 26.87 2.07 4.55
C ARG I 107 25.82 0.98 4.70
N ARG I 108 26.28 -0.26 4.80
CA ARG I 108 25.40 -1.40 4.99
C ARG I 108 24.67 -1.25 6.32
N LYS I 109 23.34 -1.46 6.31
CA LYS I 109 22.69 -1.33 7.60
C LYS I 109 22.46 -2.71 8.22
N PRO I 110 22.26 -2.74 9.55
CA PRO I 110 22.31 -4.00 10.28
C PRO I 110 21.16 -4.93 9.94
N VAL I 111 21.50 -6.22 9.76
CA VAL I 111 20.52 -7.29 9.64
C VAL I 111 21.03 -8.55 10.36
N VAL J 11 21.30 -59.96 -2.01
CA VAL J 11 20.26 -59.19 -2.71
C VAL J 11 19.84 -59.91 -4.00
N ASN J 12 20.84 -60.35 -4.76
CA ASN J 12 20.62 -61.06 -6.02
C ASN J 12 19.92 -60.18 -7.05
N GLY J 13 19.40 -59.03 -6.64
CA GLY J 13 18.71 -58.13 -7.52
C GLY J 13 19.41 -56.78 -7.59
N THR J 14 19.23 -56.10 -8.71
CA THR J 14 19.79 -54.79 -8.88
C THR J 14 18.95 -53.78 -8.10
N ASP J 15 19.57 -52.69 -7.64
CA ASP J 15 18.90 -51.74 -6.77
C ASP J 15 19.18 -50.31 -7.18
N ALA J 16 18.36 -49.41 -6.68
CA ALA J 16 18.43 -48.00 -6.99
C ALA J 16 19.02 -47.22 -5.83
N ASP J 17 19.27 -45.94 -6.08
CA ASP J 17 19.57 -44.97 -5.05
C ASP J 17 18.27 -44.45 -4.45
N TYR J 18 18.31 -44.16 -3.15
CA TYR J 18 17.10 -43.83 -2.42
C TYR J 18 17.14 -42.39 -1.90
N GLU J 19 15.94 -41.82 -1.86
CA GLU J 19 15.61 -40.53 -1.27
C GLU J 19 15.09 -40.81 0.13
N TYR J 20 15.24 -39.83 1.02
CA TYR J 20 14.67 -40.00 2.36
C TYR J 20 14.04 -38.70 2.81
N GLU J 21 12.75 -38.75 3.16
CA GLU J 21 11.94 -37.54 3.24
C GLU J 21 10.94 -37.61 4.39
N GLU J 22 10.88 -36.54 5.19
CA GLU J 22 9.80 -36.34 6.16
C GLU J 22 8.70 -35.53 5.48
N ILE J 23 7.45 -35.98 5.64
CA ILE J 23 6.31 -35.31 5.04
C ILE J 23 5.26 -35.26 6.13
N THR J 24 4.94 -34.06 6.61
CA THR J 24 3.92 -33.88 7.63
C THR J 24 2.63 -33.49 6.91
N LEU J 25 1.61 -34.35 7.01
CA LEU J 25 0.29 -34.08 6.43
C LEU J 25 -0.66 -33.53 7.47
N GLU J 26 -1.61 -32.72 7.03
CA GLU J 26 -2.73 -32.28 7.84
C GLU J 26 -3.95 -33.05 7.36
N ARG J 27 -4.63 -33.75 8.28
CA ARG J 27 -5.71 -34.63 7.87
C ARG J 27 -6.90 -33.81 7.38
N GLY J 28 -7.49 -34.25 6.26
CA GLY J 28 -8.67 -33.60 5.74
C GLY J 28 -9.92 -34.34 6.16
N ASN J 29 -11.05 -33.91 5.60
CA ASN J 29 -12.33 -34.49 5.98
C ASN J 29 -12.37 -35.99 5.70
N SER J 30 -11.85 -36.42 4.55
CA SER J 30 -11.88 -37.81 4.13
C SER J 30 -10.59 -38.56 4.46
N GLY J 31 -9.94 -38.20 5.56
CA GLY J 31 -8.70 -38.86 5.95
C GLY J 31 -7.47 -38.24 5.31
N LEU J 32 -6.42 -39.05 5.22
CA LEU J 32 -5.14 -38.58 4.71
C LEU J 32 -5.09 -38.54 3.18
N GLY J 33 -6.03 -39.18 2.50
CA GLY J 33 -6.10 -39.09 1.05
C GLY J 33 -5.15 -39.98 0.27
N PHE J 34 -4.86 -41.18 0.75
CA PHE J 34 -4.03 -42.11 -0.03
C PHE J 34 -4.28 -43.54 0.47
N SER J 35 -3.82 -44.49 -0.33
CA SER J 35 -3.99 -45.91 -0.03
C SER J 35 -2.64 -46.58 0.12
N ILE J 36 -2.59 -47.62 0.95
CA ILE J 36 -1.33 -48.31 1.17
C ILE J 36 -1.53 -49.82 0.97
N ALA J 37 -0.45 -50.48 0.58
CA ALA J 37 -0.39 -51.92 0.53
C ALA J 37 0.88 -52.38 1.22
N GLY J 38 0.92 -53.64 1.61
CA GLY J 38 2.13 -54.25 2.14
C GLY J 38 1.95 -54.69 3.57
N GLY J 39 3.07 -55.04 4.19
CA GLY J 39 3.08 -55.59 5.52
C GLY J 39 3.67 -56.99 5.54
N THR J 40 3.81 -57.50 6.77
CA THR J 40 4.43 -58.81 6.97
C THR J 40 3.54 -59.94 6.48
N ASP J 41 2.22 -59.78 6.58
CA ASP J 41 1.25 -60.78 6.18
C ASP J 41 0.79 -60.63 4.72
N ASN J 42 1.45 -59.76 3.94
CA ASN J 42 1.07 -59.48 2.55
C ASN J 42 2.13 -58.65 1.84
N PRO J 43 3.32 -59.20 1.58
CA PRO J 43 4.42 -58.38 1.02
C PRO J 43 4.10 -57.90 -0.39
N HIS J 44 4.14 -56.57 -0.57
CA HIS J 44 3.80 -56.00 -1.86
C HIS J 44 4.82 -56.38 -2.92
N ILE J 45 6.11 -56.14 -2.67
CA ILE J 45 7.17 -56.50 -3.61
C ILE J 45 7.96 -57.66 -3.02
N GLY J 46 7.74 -58.86 -3.58
CA GLY J 46 8.50 -60.06 -3.29
C GLY J 46 8.78 -60.35 -1.84
N ASP J 47 9.92 -59.85 -1.34
CA ASP J 47 10.35 -60.02 0.04
C ASP J 47 9.99 -58.84 0.95
N ASP J 48 10.10 -57.60 0.46
CA ASP J 48 9.92 -56.41 1.28
C ASP J 48 8.56 -56.39 1.95
N SER J 49 8.56 -56.38 3.27
CA SER J 49 7.30 -56.26 4.00
C SER J 49 6.92 -54.82 4.24
N SER J 50 7.67 -53.87 3.70
CA SER J 50 7.44 -52.46 3.94
C SER J 50 6.04 -52.06 3.47
N ILE J 51 5.63 -50.88 3.92
CA ILE J 51 4.36 -50.27 3.56
C ILE J 51 4.58 -49.33 2.38
N PHE J 52 3.86 -49.57 1.29
CA PHE J 52 3.97 -48.77 0.07
C PHE J 52 2.67 -48.00 -0.21
N ILE J 53 2.81 -46.78 -0.71
CA ILE J 53 1.67 -46.01 -1.18
C ILE J 53 1.31 -46.47 -2.58
N THR J 54 0.07 -46.93 -2.75
CA THR J 54 -0.40 -47.41 -4.05
C THR J 54 -1.31 -46.43 -4.76
N LYS J 55 -1.77 -45.39 -4.08
CA LYS J 55 -2.79 -44.52 -4.66
C LYS J 55 -2.83 -43.22 -3.89
N ILE J 56 -2.93 -42.11 -4.64
CA ILE J 56 -3.10 -40.76 -4.11
C ILE J 56 -4.45 -40.25 -4.57
N ILE J 57 -5.39 -40.08 -3.64
CA ILE J 57 -6.75 -39.71 -3.99
C ILE J 57 -6.76 -38.27 -4.48
N THR J 58 -7.42 -38.04 -5.62
CA THR J 58 -7.58 -36.68 -6.11
C THR J 58 -8.36 -35.86 -5.11
N GLY J 59 -7.83 -34.70 -4.76
CA GLY J 59 -8.49 -33.82 -3.80
C GLY J 59 -8.14 -34.06 -2.35
N GLY J 60 -7.51 -35.18 -2.02
CA GLY J 60 -7.16 -35.44 -0.65
C GLY J 60 -5.99 -34.62 -0.17
N ALA J 61 -5.67 -34.82 1.11
CA ALA J 61 -4.59 -34.07 1.75
C ALA J 61 -3.25 -34.44 1.14
N ALA J 62 -3.05 -35.72 0.82
CA ALA J 62 -1.80 -36.12 0.19
C ALA J 62 -1.64 -35.41 -1.14
N ALA J 63 -2.70 -35.40 -1.95
CA ALA J 63 -2.64 -34.79 -3.27
C ALA J 63 -2.38 -33.29 -3.16
N GLN J 64 -3.13 -32.61 -2.31
CA GLN J 64 -2.98 -31.15 -2.20
C GLN J 64 -1.63 -30.76 -1.64
N ASP J 65 -1.11 -31.53 -0.68
CA ASP J 65 0.26 -31.31 -0.22
C ASP J 65 1.24 -31.41 -1.38
N GLY J 66 1.14 -32.48 -2.18
CA GLY J 66 1.85 -32.56 -3.43
C GLY J 66 3.16 -33.31 -3.39
N ARG J 67 3.58 -33.79 -2.21
CA ARG J 67 4.92 -34.36 -2.04
C ARG J 67 4.97 -35.88 -2.13
N LEU J 68 3.96 -36.58 -1.61
CA LEU J 68 3.94 -38.03 -1.69
C LEU J 68 3.83 -38.48 -3.14
N ARG J 69 4.28 -39.70 -3.40
CA ARG J 69 4.24 -40.28 -4.73
C ARG J 69 3.92 -41.75 -4.60
N VAL J 70 3.17 -42.27 -5.58
CA VAL J 70 2.95 -43.71 -5.65
C VAL J 70 4.29 -44.43 -5.65
N ASN J 71 4.36 -45.55 -4.93
CA ASN J 71 5.53 -46.40 -4.65
C ASN J 71 6.41 -45.85 -3.53
N ASP J 72 6.06 -44.72 -2.91
CA ASP J 72 6.74 -44.29 -1.70
C ASP J 72 6.60 -45.37 -0.62
N CYS J 73 7.67 -45.59 0.10
CA CYS J 73 7.68 -46.58 1.16
C CYS J 73 7.61 -45.86 2.50
N ILE J 74 6.54 -46.09 3.26
CA ILE J 74 6.34 -45.42 4.55
C ILE J 74 7.12 -46.18 5.60
N LEU J 75 8.14 -45.54 6.17
CA LEU J 75 8.97 -46.16 7.20
C LEU J 75 8.52 -45.84 8.62
N ARG J 76 7.80 -44.73 8.82
CA ARG J 76 7.47 -44.23 10.15
C ARG J 76 6.22 -43.37 10.08
N VAL J 77 5.35 -43.49 11.09
CA VAL J 77 4.10 -42.73 11.23
C VAL J 77 4.13 -42.09 12.62
N ASN J 78 4.46 -40.80 12.68
CA ASN J 78 4.72 -40.14 13.95
C ASN J 78 5.77 -40.95 14.70
N GLU J 79 5.45 -41.54 15.86
CA GLU J 79 6.44 -42.28 16.64
C GLU J 79 6.36 -43.79 16.42
N VAL J 80 5.59 -44.25 15.44
CA VAL J 80 5.26 -45.65 15.25
C VAL J 80 6.12 -46.22 14.14
N ASP J 81 6.92 -47.23 14.48
CA ASP J 81 7.72 -47.94 13.50
C ASP J 81 6.82 -48.84 12.67
N VAL J 82 6.82 -48.67 11.35
CA VAL J 82 6.05 -49.54 10.46
C VAL J 82 6.94 -50.23 9.43
N ARG J 83 8.24 -50.30 9.69
CA ARG J 83 9.11 -51.03 8.76
C ARG J 83 8.80 -52.52 8.74
N ASP J 84 8.36 -53.08 9.88
CA ASP J 84 8.15 -54.52 10.02
C ASP J 84 6.86 -54.77 10.82
N VAL J 85 5.71 -54.41 10.23
CA VAL J 85 4.42 -54.65 10.86
C VAL J 85 3.48 -55.35 9.88
N THR J 86 2.40 -55.89 10.44
CA THR J 86 1.33 -56.43 9.62
C THR J 86 0.60 -55.30 8.90
N HIS J 87 -0.15 -55.67 7.87
CA HIS J 87 -0.97 -54.68 7.19
C HIS J 87 -1.89 -53.98 8.18
N SER J 88 -2.61 -54.76 8.99
CA SER J 88 -3.59 -54.17 9.91
C SER J 88 -2.96 -53.19 10.86
N LYS J 89 -1.71 -53.42 11.29
CA LYS J 89 -1.08 -52.49 12.22
C LYS J 89 -0.62 -51.22 11.51
N ALA J 90 -0.20 -51.31 10.25
CA ALA J 90 0.10 -50.09 9.51
C ALA J 90 -1.15 -49.25 9.34
N VAL J 91 -2.25 -49.86 8.91
CA VAL J 91 -3.53 -49.15 8.77
C VAL J 91 -3.90 -48.44 10.07
N GLU J 92 -3.71 -49.12 11.20
CA GLU J 92 -4.18 -48.51 12.43
C GLU J 92 -3.30 -47.32 12.79
N ALA J 93 -1.99 -47.43 12.59
CA ALA J 93 -1.12 -46.31 12.90
C ALA J 93 -1.45 -45.09 12.04
N LEU J 94 -1.98 -45.30 10.82
CA LEU J 94 -2.34 -44.15 10.00
C LEU J 94 -3.73 -43.64 10.35
N LYS J 95 -4.68 -44.56 10.58
CA LYS J 95 -6.04 -44.17 10.96
C LYS J 95 -6.02 -43.42 12.30
N GLU J 96 -5.19 -43.86 13.23
CA GLU J 96 -5.21 -43.32 14.58
C GLU J 96 -4.13 -42.26 14.82
N ALA J 97 -3.50 -41.75 13.75
CA ALA J 97 -2.37 -40.85 13.90
C ALA J 97 -2.76 -39.45 14.32
N GLY J 98 -4.05 -39.11 14.27
CA GLY J 98 -4.53 -37.82 14.71
C GLY J 98 -4.65 -36.79 13.60
N SER J 99 -4.64 -35.53 14.04
CA SER J 99 -4.84 -34.39 13.15
C SER J 99 -3.61 -34.13 12.28
N ILE J 100 -2.42 -34.28 12.87
CA ILE J 100 -1.13 -33.97 12.24
C ILE J 100 -0.35 -35.28 12.14
N VAL J 101 0.09 -35.64 10.94
CA VAL J 101 0.68 -36.96 10.69
C VAL J 101 2.07 -36.79 10.10
N ARG J 102 3.09 -37.06 10.90
CA ARG J 102 4.45 -37.03 10.38
C ARG J 102 4.75 -38.33 9.65
N LEU J 103 5.17 -38.25 8.40
CA LEU J 103 5.46 -39.44 7.59
C LEU J 103 6.92 -39.42 7.18
N TYR J 104 7.66 -40.45 7.54
CA TYR J 104 9.04 -40.63 7.11
C TYR J 104 9.04 -41.64 5.97
N VAL J 105 9.24 -41.18 4.74
CA VAL J 105 9.17 -42.07 3.60
C VAL J 105 10.53 -42.13 2.91
N LYS J 106 10.71 -43.17 2.10
CA LYS J 106 11.89 -43.27 1.23
C LYS J 106 11.44 -43.70 -0.17
N ARG J 107 12.05 -43.07 -1.18
CA ARG J 107 11.67 -43.40 -2.54
C ARG J 107 12.89 -43.46 -3.43
N ARG J 108 12.71 -44.14 -4.57
CA ARG J 108 13.76 -44.37 -5.55
C ARG J 108 14.03 -43.11 -6.36
N LYS J 109 15.28 -42.67 -6.37
CA LYS J 109 15.74 -41.54 -7.19
C LYS J 109 17.24 -41.43 -7.03
N ASN K 12 -28.71 0.87 -6.91
CA ASN K 12 -28.96 0.25 -5.62
C ASN K 12 -27.74 -0.58 -5.16
N GLY K 13 -27.94 -1.33 -4.08
CA GLY K 13 -26.99 -2.32 -3.64
C GLY K 13 -27.35 -3.71 -4.13
N THR K 14 -26.54 -4.67 -3.70
CA THR K 14 -26.87 -6.06 -3.96
C THR K 14 -27.70 -6.60 -2.79
N ASP K 15 -28.37 -7.73 -3.01
CA ASP K 15 -29.40 -8.21 -2.09
C ASP K 15 -29.24 -9.71 -1.80
N ALA K 16 -30.02 -10.19 -0.85
CA ALA K 16 -30.11 -11.61 -0.57
C ALA K 16 -31.54 -12.07 -0.81
N ASP K 17 -31.77 -13.37 -0.59
CA ASP K 17 -33.11 -13.95 -0.56
C ASP K 17 -33.66 -13.88 0.86
N TYR K 18 -34.99 -13.79 0.98
CA TYR K 18 -35.67 -13.55 2.24
C TYR K 18 -36.67 -14.66 2.55
N GLU K 19 -36.66 -15.11 3.81
CA GLU K 19 -37.70 -15.98 4.34
C GLU K 19 -38.72 -15.12 5.07
N TYR K 20 -39.97 -15.53 5.03
CA TYR K 20 -41.05 -14.86 5.75
C TYR K 20 -41.64 -15.84 6.76
N GLU K 21 -42.06 -15.33 7.91
CA GLU K 21 -42.41 -16.23 9.01
C GLU K 21 -43.48 -15.58 9.88
N GLU K 22 -44.46 -16.39 10.26
CA GLU K 22 -45.40 -16.05 11.31
C GLU K 22 -44.86 -16.58 12.63
N ILE K 23 -44.93 -15.74 13.66
CA ILE K 23 -44.39 -16.08 14.96
C ILE K 23 -45.33 -15.48 16.01
N THR K 24 -46.03 -16.32 16.75
CA THR K 24 -46.96 -15.85 17.77
C THR K 24 -46.32 -16.03 19.14
N LEU K 25 -45.96 -14.91 19.79
CA LEU K 25 -45.36 -14.88 21.12
C LEU K 25 -46.43 -14.69 22.21
N GLU K 26 -46.21 -15.32 23.36
CA GLU K 26 -47.08 -15.14 24.52
C GLU K 26 -46.34 -14.26 25.53
N ARG K 27 -46.83 -13.04 25.70
CA ARG K 27 -46.15 -12.03 26.50
C ARG K 27 -45.85 -12.55 27.90
N GLY K 28 -44.58 -12.43 28.30
CA GLY K 28 -44.16 -12.84 29.62
C GLY K 28 -44.41 -11.74 30.64
N ASN K 29 -43.92 -11.98 31.86
CA ASN K 29 -44.08 -10.99 32.92
C ASN K 29 -43.31 -9.71 32.59
N SER K 30 -42.14 -9.86 31.98
CA SER K 30 -41.30 -8.73 31.60
C SER K 30 -41.55 -8.26 30.18
N GLY K 31 -42.74 -8.51 29.62
CA GLY K 31 -43.01 -8.09 28.27
C GLY K 31 -42.65 -9.11 27.21
N LEU K 32 -42.34 -8.65 25.99
CA LEU K 32 -42.09 -9.58 24.90
C LEU K 32 -40.68 -10.13 24.93
N GLY K 33 -39.71 -9.37 25.43
CA GLY K 33 -38.38 -9.91 25.58
C GLY K 33 -37.47 -9.69 24.39
N PHE K 34 -37.66 -8.59 23.67
CA PHE K 34 -36.70 -8.20 22.64
C PHE K 34 -36.75 -6.69 22.49
N SER K 35 -35.79 -6.15 21.74
CA SER K 35 -35.69 -4.72 21.50
C SER K 35 -35.72 -4.45 20.00
N ILE K 36 -36.17 -3.25 19.62
CA ILE K 36 -36.35 -2.92 18.22
C ILE K 36 -35.69 -1.58 17.89
N ALA K 37 -35.09 -1.51 16.71
CA ALA K 37 -34.59 -0.29 16.11
C ALA K 37 -35.37 -0.01 14.83
N GLY K 38 -35.22 1.20 14.31
CA GLY K 38 -35.73 1.52 13.01
C GLY K 38 -36.92 2.46 13.07
N GLY K 39 -37.55 2.64 11.92
CA GLY K 39 -38.68 3.53 11.81
C GLY K 39 -38.34 4.76 10.98
N THR K 40 -39.41 5.43 10.51
CA THR K 40 -39.25 6.50 9.52
C THR K 40 -38.42 7.64 10.06
N ASP K 41 -38.60 8.01 11.33
CA ASP K 41 -37.85 9.10 11.92
C ASP K 41 -36.48 8.67 12.41
N ASN K 42 -36.05 7.44 12.10
CA ASN K 42 -34.76 6.96 12.59
C ASN K 42 -34.42 5.62 11.94
N PRO K 43 -34.14 5.60 10.64
CA PRO K 43 -33.89 4.32 9.97
C PRO K 43 -32.65 3.65 10.52
N HIS K 44 -32.69 2.31 10.58
CA HIS K 44 -31.57 1.51 11.06
C HIS K 44 -30.57 1.25 9.94
N ILE K 45 -31.05 0.79 8.77
CA ILE K 45 -30.26 0.68 7.53
C ILE K 45 -30.60 1.88 6.66
N GLY K 46 -29.62 2.33 5.89
CA GLY K 46 -29.79 3.55 5.13
C GLY K 46 -30.98 3.49 4.21
N ASP K 47 -31.83 4.51 4.26
CA ASP K 47 -33.05 4.58 3.45
C ASP K 47 -33.85 3.26 3.55
N ASP K 48 -34.36 3.02 4.76
CA ASP K 48 -35.04 1.78 5.11
C ASP K 48 -35.76 1.94 6.44
N SER K 49 -37.06 2.24 6.38
CA SER K 49 -37.80 2.61 7.59
C SER K 49 -38.31 1.41 8.37
N SER K 50 -38.01 0.19 7.94
CA SER K 50 -38.54 -1.00 8.59
C SER K 50 -38.06 -1.09 10.03
N ILE K 51 -38.82 -1.81 10.84
CA ILE K 51 -38.46 -2.09 12.21
C ILE K 51 -37.56 -3.32 12.23
N PHE K 52 -36.48 -3.28 13.02
CA PHE K 52 -35.55 -4.40 13.11
C PHE K 52 -35.35 -4.78 14.58
N ILE K 53 -35.21 -6.07 14.84
CA ILE K 53 -34.92 -6.56 16.20
C ILE K 53 -33.41 -6.51 16.38
N THR K 54 -32.99 -5.79 17.42
CA THR K 54 -31.57 -5.65 17.70
C THR K 54 -31.14 -6.37 18.96
N LYS K 55 -32.07 -6.82 19.79
CA LYS K 55 -31.72 -7.50 21.03
C LYS K 55 -32.81 -8.53 21.34
N ILE K 56 -32.40 -9.68 21.86
CA ILE K 56 -33.32 -10.69 22.34
C ILE K 56 -32.91 -11.05 23.77
N ILE K 57 -33.81 -10.79 24.72
CA ILE K 57 -33.45 -10.78 26.13
C ILE K 57 -33.34 -12.21 26.65
N THR K 58 -32.26 -12.49 27.37
CA THR K 58 -32.13 -13.78 28.02
C THR K 58 -33.25 -13.99 29.02
N GLY K 59 -33.89 -15.15 28.95
CA GLY K 59 -34.99 -15.47 29.81
C GLY K 59 -36.34 -15.01 29.34
N GLY K 60 -36.39 -14.08 28.38
CA GLY K 60 -37.65 -13.53 27.94
C GLY K 60 -38.43 -14.44 27.02
N ALA K 61 -39.65 -13.99 26.72
CA ALA K 61 -40.60 -14.75 25.90
C ALA K 61 -40.07 -15.01 24.51
N ALA K 62 -39.43 -14.01 23.89
CA ALA K 62 -38.86 -14.21 22.56
C ALA K 62 -37.74 -15.23 22.60
N ALA K 63 -36.90 -15.19 23.64
CA ALA K 63 -35.81 -16.15 23.77
C ALA K 63 -36.33 -17.57 23.96
N GLN K 64 -37.29 -17.75 24.89
CA GLN K 64 -37.81 -19.09 25.17
C GLN K 64 -38.56 -19.65 23.98
N ASP K 65 -39.25 -18.79 23.22
CA ASP K 65 -39.91 -19.26 21.99
C ASP K 65 -38.89 -19.71 20.94
N GLY K 66 -37.73 -19.08 20.88
CA GLY K 66 -36.62 -19.63 20.12
C GLY K 66 -36.59 -19.33 18.65
N ARG K 67 -37.63 -18.70 18.09
CA ARG K 67 -37.69 -18.51 16.64
C ARG K 67 -37.22 -17.14 16.16
N LEU K 68 -37.38 -16.09 16.96
CA LEU K 68 -36.92 -14.76 16.56
C LEU K 68 -35.40 -14.70 16.53
N ARG K 69 -34.88 -13.85 15.65
CA ARG K 69 -33.45 -13.64 15.52
C ARG K 69 -33.14 -12.14 15.49
N VAL K 70 -31.94 -11.80 15.95
CA VAL K 70 -31.46 -10.44 15.75
C VAL K 70 -31.37 -10.16 14.27
N ASN K 71 -31.83 -8.97 13.85
CA ASN K 71 -31.90 -8.43 12.49
C ASN K 71 -33.13 -8.91 11.73
N ASP K 72 -34.04 -9.65 12.40
CA ASP K 72 -35.37 -9.90 11.86
C ASP K 72 -36.13 -8.59 11.72
N CYS K 73 -36.62 -8.32 10.53
CA CYS K 73 -37.42 -7.14 10.30
C CYS K 73 -38.88 -7.48 10.56
N ILE K 74 -39.54 -6.69 11.40
CA ILE K 74 -40.94 -6.95 11.75
C ILE K 74 -41.82 -6.13 10.81
N LEU K 75 -42.59 -6.84 9.98
CA LEU K 75 -43.50 -6.22 9.03
C LEU K 75 -44.86 -5.92 9.60
N ARG K 76 -45.28 -6.60 10.67
CA ARG K 76 -46.65 -6.48 11.14
C ARG K 76 -46.78 -7.00 12.57
N VAL K 77 -47.63 -6.32 13.36
CA VAL K 77 -47.83 -6.60 14.78
C VAL K 77 -49.33 -6.78 14.99
N ASN K 78 -49.80 -8.04 14.97
CA ASN K 78 -51.22 -8.41 14.85
C ASN K 78 -51.83 -7.81 13.59
N GLU K 79 -52.66 -6.76 13.66
CA GLU K 79 -52.97 -6.10 12.40
C GLU K 79 -52.58 -4.63 12.39
N VAL K 80 -51.53 -4.28 13.11
CA VAL K 80 -50.86 -3.01 12.90
C VAL K 80 -49.72 -3.24 11.91
N ASP K 81 -49.85 -2.70 10.70
CA ASP K 81 -48.72 -2.64 9.79
C ASP K 81 -47.65 -1.71 10.36
N VAL K 82 -46.40 -2.19 10.39
CA VAL K 82 -45.29 -1.38 10.88
C VAL K 82 -44.17 -1.37 9.85
N ARG K 83 -44.55 -1.35 8.57
CA ARG K 83 -43.58 -1.27 7.49
C ARG K 83 -43.11 0.16 7.26
N ASP K 84 -43.92 1.16 7.62
CA ASP K 84 -43.64 2.55 7.33
C ASP K 84 -44.21 3.38 8.48
N VAL K 85 -43.57 3.26 9.64
CA VAL K 85 -44.07 3.86 10.88
C VAL K 85 -42.95 4.63 11.53
N THR K 86 -43.32 5.52 12.44
CA THR K 86 -42.31 6.08 13.32
C THR K 86 -41.91 5.02 14.36
N HIS K 87 -40.79 5.27 15.02
CA HIS K 87 -40.35 4.35 16.06
C HIS K 87 -41.40 4.24 17.15
N SER K 88 -41.83 5.38 17.72
CA SER K 88 -42.77 5.34 18.83
C SER K 88 -44.08 4.67 18.44
N LYS K 89 -44.49 4.80 17.18
CA LYS K 89 -45.75 4.20 16.75
C LYS K 89 -45.63 2.69 16.64
N ALA K 90 -44.48 2.18 16.18
CA ALA K 90 -44.24 0.74 16.24
C ALA K 90 -44.05 0.27 17.69
N VAL K 91 -43.34 1.05 18.51
CA VAL K 91 -43.21 0.73 19.93
C VAL K 91 -44.57 0.66 20.60
N GLU K 92 -45.49 1.54 20.20
CA GLU K 92 -46.82 1.51 20.81
C GLU K 92 -47.61 0.29 20.35
N ALA K 93 -47.42 -0.15 19.11
CA ALA K 93 -48.11 -1.35 18.65
C ALA K 93 -47.66 -2.59 19.43
N LEU K 94 -46.43 -2.59 19.93
CA LEU K 94 -45.96 -3.76 20.65
C LEU K 94 -46.32 -3.74 22.14
N LYS K 95 -46.59 -2.56 22.71
CA LYS K 95 -47.08 -2.49 24.10
C LYS K 95 -48.59 -2.72 24.19
N GLU K 96 -49.35 -2.36 23.15
CA GLU K 96 -50.79 -2.45 23.18
C GLU K 96 -51.29 -3.72 22.52
N ALA K 97 -50.39 -4.63 22.17
CA ALA K 97 -50.79 -5.80 21.40
C ALA K 97 -51.34 -6.92 22.27
N GLY K 98 -51.43 -6.74 23.59
CA GLY K 98 -52.01 -7.74 24.44
C GLY K 98 -51.06 -8.89 24.75
N SER K 99 -51.63 -9.93 25.37
CA SER K 99 -50.82 -11.06 25.79
C SER K 99 -50.45 -12.00 24.65
N ILE K 100 -51.21 -12.00 23.54
CA ILE K 100 -50.94 -12.83 22.36
C ILE K 100 -50.60 -11.92 21.18
N VAL K 101 -49.38 -12.06 20.66
CA VAL K 101 -48.82 -11.11 19.69
C VAL K 101 -48.37 -11.86 18.46
N ARG K 102 -49.13 -11.74 17.35
CA ARG K 102 -48.74 -12.32 16.07
C ARG K 102 -47.75 -11.39 15.37
N LEU K 103 -46.52 -11.85 15.15
CA LEU K 103 -45.52 -11.06 14.44
C LEU K 103 -45.33 -11.60 13.04
N TYR K 104 -45.43 -10.73 12.04
CA TYR K 104 -45.06 -11.07 10.67
C TYR K 104 -43.64 -10.54 10.41
N VAL K 105 -42.69 -11.45 10.24
CA VAL K 105 -41.29 -11.05 10.12
C VAL K 105 -40.68 -11.67 8.87
N LYS K 106 -39.62 -11.01 8.36
CA LYS K 106 -38.82 -11.58 7.29
C LYS K 106 -37.34 -11.44 7.61
N ARG K 107 -36.55 -12.39 7.13
CA ARG K 107 -35.11 -12.38 7.40
C ARG K 107 -34.36 -12.86 6.18
N ARG K 108 -33.09 -12.44 6.11
CA ARG K 108 -32.22 -12.74 5.00
C ARG K 108 -31.89 -14.22 4.94
N LYS K 109 -31.43 -14.66 3.77
CA LYS K 109 -30.94 -16.03 3.58
C LYS K 109 -31.90 -17.06 4.13
N ASN L 12 12.13 15.01 -23.31
CA ASN L 12 11.30 16.10 -23.84
C ASN L 12 9.99 15.54 -24.41
N GLY L 13 9.03 16.42 -24.73
CA GLY L 13 7.72 15.93 -25.10
C GLY L 13 6.84 15.72 -23.89
N THR L 14 5.60 16.21 -23.95
CA THR L 14 4.66 15.90 -22.88
C THR L 14 4.14 14.49 -23.09
N ASP L 15 3.32 14.00 -22.17
CA ASP L 15 2.89 12.61 -22.20
C ASP L 15 1.48 12.47 -21.65
N ALA L 16 0.88 11.32 -21.90
CA ALA L 16 -0.46 11.06 -21.40
C ALA L 16 -0.41 9.94 -20.38
N ASP L 17 -1.53 9.74 -19.70
CA ASP L 17 -1.66 8.54 -18.88
C ASP L 17 -1.92 7.35 -19.80
N TYR L 18 -1.50 6.18 -19.37
CA TYR L 18 -1.57 5.00 -20.20
C TYR L 18 -2.45 3.94 -19.57
N GLU L 19 -3.12 3.20 -20.45
CA GLU L 19 -3.99 2.09 -20.12
C GLU L 19 -3.33 0.82 -20.62
N TYR L 20 -3.32 -0.21 -19.77
CA TYR L 20 -2.84 -1.52 -20.16
C TYR L 20 -4.00 -2.49 -20.27
N GLU L 21 -3.85 -3.49 -21.14
CA GLU L 21 -4.93 -4.41 -21.44
C GLU L 21 -4.35 -5.64 -22.09
N GLU L 22 -4.89 -6.80 -21.77
CA GLU L 22 -4.52 -8.01 -22.47
C GLU L 22 -5.69 -8.47 -23.33
N ILE L 23 -5.39 -8.96 -24.53
CA ILE L 23 -6.40 -9.18 -25.56
C ILE L 23 -6.08 -10.50 -26.25
N THR L 24 -6.90 -11.53 -26.01
CA THR L 24 -6.73 -12.83 -26.63
C THR L 24 -7.64 -12.93 -27.86
N LEU L 25 -7.04 -12.94 -29.05
CA LEU L 25 -7.75 -13.16 -30.30
C LEU L 25 -7.70 -14.63 -30.69
N GLU L 26 -8.71 -15.05 -31.45
CA GLU L 26 -8.72 -16.34 -32.12
C GLU L 26 -8.58 -16.07 -33.60
N ARG L 27 -7.46 -16.50 -34.18
CA ARG L 27 -7.15 -16.22 -35.57
C ARG L 27 -8.29 -16.74 -36.48
N GLY L 28 -8.59 -15.95 -37.51
CA GLY L 28 -9.47 -16.38 -38.59
C GLY L 28 -8.65 -16.63 -39.84
N ASN L 29 -9.28 -17.32 -40.80
CA ASN L 29 -8.56 -17.75 -42.01
C ASN L 29 -7.67 -16.66 -42.58
N SER L 30 -8.19 -15.43 -42.66
CA SER L 30 -7.40 -14.29 -43.10
C SER L 30 -6.59 -13.64 -41.96
N GLY L 31 -6.05 -14.45 -41.03
CA GLY L 31 -5.16 -13.93 -40.01
C GLY L 31 -5.90 -13.31 -38.85
N LEU L 32 -5.18 -12.43 -38.14
CA LEU L 32 -5.71 -11.78 -36.96
C LEU L 32 -6.52 -10.53 -37.28
N GLY L 33 -6.36 -9.97 -38.46
CA GLY L 33 -7.20 -8.88 -38.88
C GLY L 33 -6.76 -7.51 -38.44
N PHE L 34 -5.45 -7.24 -38.48
CA PHE L 34 -4.96 -5.88 -38.29
C PHE L 34 -3.60 -5.74 -38.96
N SER L 35 -3.10 -4.50 -39.01
CA SER L 35 -1.79 -4.21 -39.58
C SER L 35 -0.93 -3.48 -38.56
N ILE L 36 0.38 -3.66 -38.69
CA ILE L 36 1.32 -3.15 -37.70
C ILE L 36 2.40 -2.35 -38.40
N ALA L 37 2.82 -1.27 -37.75
CA ALA L 37 3.98 -0.49 -38.15
C ALA L 37 4.89 -0.35 -36.94
N GLY L 38 6.20 -0.38 -37.19
CA GLY L 38 7.14 -0.19 -36.11
C GLY L 38 8.28 -1.17 -36.20
N GLY L 39 9.14 -1.12 -35.20
CA GLY L 39 10.35 -1.92 -35.18
C GLY L 39 11.60 -1.09 -35.02
N THR L 40 12.70 -1.73 -34.65
CA THR L 40 13.97 -1.00 -34.56
C THR L 40 14.46 -0.55 -35.94
N ASP L 41 14.28 -1.38 -36.96
CA ASP L 41 14.71 -1.02 -38.31
C ASP L 41 13.70 -0.12 -39.04
N ASN L 42 12.72 0.47 -38.35
CA ASN L 42 11.76 1.36 -38.97
C ASN L 42 10.84 1.95 -37.91
N PRO L 43 11.35 2.81 -37.02
CA PRO L 43 10.50 3.34 -35.94
C PRO L 43 9.33 4.15 -36.49
N HIS L 44 8.14 3.92 -35.95
CA HIS L 44 6.92 4.50 -36.48
C HIS L 44 6.57 5.84 -35.86
N ILE L 45 7.14 6.17 -34.69
CA ILE L 45 6.81 7.41 -33.99
C ILE L 45 8.12 8.10 -33.59
N GLY L 46 9.25 7.60 -34.10
CA GLY L 46 10.53 8.24 -33.92
C GLY L 46 11.03 8.14 -32.50
N ASP L 47 12.35 7.99 -32.32
CA ASP L 47 12.98 7.68 -31.04
C ASP L 47 12.21 6.59 -30.27
N ASP L 48 11.58 5.66 -30.98
CA ASP L 48 10.64 4.73 -30.35
C ASP L 48 10.33 3.56 -31.27
N SER L 49 10.92 2.40 -30.96
CA SER L 49 10.90 1.23 -31.85
C SER L 49 9.69 0.33 -31.66
N SER L 50 8.70 0.77 -30.89
CA SER L 50 7.59 -0.09 -30.50
C SER L 50 6.76 -0.54 -31.71
N ILE L 51 5.86 -1.47 -31.45
CA ILE L 51 5.00 -2.05 -32.48
C ILE L 51 3.60 -1.46 -32.31
N PHE L 52 3.13 -0.75 -33.34
CA PHE L 52 1.87 -0.02 -33.29
C PHE L 52 0.90 -0.62 -34.30
N ILE L 53 -0.37 -0.73 -33.89
CA ILE L 53 -1.46 -1.11 -34.79
C ILE L 53 -1.89 0.10 -35.61
N THR L 54 -1.87 -0.05 -36.94
CA THR L 54 -2.24 1.05 -37.82
C THR L 54 -3.51 0.79 -38.60
N LYS L 55 -4.01 -0.43 -38.61
CA LYS L 55 -5.22 -0.75 -39.38
C LYS L 55 -5.93 -1.92 -38.72
N ILE L 56 -7.27 -1.86 -38.70
CA ILE L 56 -8.14 -2.92 -38.20
C ILE L 56 -9.08 -3.33 -39.35
N ILE L 57 -8.87 -4.52 -39.90
CA ILE L 57 -9.56 -4.92 -41.13
C ILE L 57 -11.02 -5.29 -40.84
N THR L 58 -11.95 -4.65 -41.56
CA THR L 58 -13.36 -4.98 -41.36
C THR L 58 -13.62 -6.43 -41.71
N GLY L 59 -14.43 -7.09 -40.88
CA GLY L 59 -14.68 -8.50 -40.99
C GLY L 59 -13.73 -9.38 -40.20
N GLY L 60 -12.55 -8.86 -39.84
CA GLY L 60 -11.50 -9.68 -39.26
C GLY L 60 -11.63 -9.89 -37.77
N ALA L 61 -10.78 -10.79 -37.25
CA ALA L 61 -10.91 -11.23 -35.86
C ALA L 61 -10.74 -10.08 -34.88
N ALA L 62 -9.76 -9.20 -35.13
CA ALA L 62 -9.57 -8.03 -34.26
C ALA L 62 -10.79 -7.13 -34.26
N ALA L 63 -11.43 -6.96 -35.42
CA ALA L 63 -12.59 -6.08 -35.50
C ALA L 63 -13.80 -6.72 -34.79
N GLN L 64 -14.01 -8.02 -35.00
CA GLN L 64 -15.12 -8.68 -34.34
C GLN L 64 -14.91 -8.76 -32.84
N ASP L 65 -13.66 -8.97 -32.40
CA ASP L 65 -13.37 -8.94 -30.96
C ASP L 65 -13.67 -7.58 -30.37
N GLY L 66 -13.45 -6.52 -31.13
CA GLY L 66 -13.97 -5.22 -30.78
C GLY L 66 -13.13 -4.43 -29.83
N ARG L 67 -12.03 -4.99 -29.31
CA ARG L 67 -11.24 -4.32 -28.29
C ARG L 67 -9.97 -3.65 -28.82
N LEU L 68 -9.33 -4.18 -29.86
CA LEU L 68 -8.15 -3.50 -30.38
C LEU L 68 -8.53 -2.15 -30.99
N ARG L 69 -7.58 -1.21 -30.94
CA ARG L 69 -7.74 0.11 -31.52
C ARG L 69 -6.51 0.47 -32.33
N VAL L 70 -6.73 1.26 -33.38
CA VAL L 70 -5.60 1.86 -34.09
C VAL L 70 -4.80 2.74 -33.12
N ASN L 71 -3.47 2.62 -33.21
CA ASN L 71 -2.44 3.29 -32.38
C ASN L 71 -2.21 2.56 -31.07
N ASP L 72 -2.83 1.40 -30.85
CA ASP L 72 -2.43 0.54 -29.75
C ASP L 72 -1.01 0.05 -29.98
N CYS L 73 -0.25 -0.07 -28.89
CA CYS L 73 1.11 -0.56 -28.94
C CYS L 73 1.12 -2.00 -28.44
N ILE L 74 1.66 -2.91 -29.26
CA ILE L 74 1.74 -4.32 -28.88
C ILE L 74 3.05 -4.55 -28.14
N LEU L 75 2.96 -4.91 -26.85
CA LEU L 75 4.11 -5.19 -26.02
C LEU L 75 4.56 -6.65 -26.09
N ARG L 76 3.64 -7.61 -26.00
CA ARG L 76 3.99 -9.02 -26.06
C ARG L 76 2.99 -9.77 -26.93
N VAL L 77 3.43 -10.92 -27.43
CA VAL L 77 2.69 -11.75 -28.36
C VAL L 77 2.87 -13.19 -27.87
N ASN L 78 1.94 -13.68 -27.07
CA ASN L 78 2.05 -14.97 -26.39
C ASN L 78 3.22 -14.84 -25.43
N GLU L 79 4.24 -15.69 -25.49
CA GLU L 79 5.39 -15.53 -24.61
C GLU L 79 6.49 -14.69 -25.24
N VAL L 80 6.28 -14.16 -26.42
CA VAL L 80 7.31 -13.44 -27.17
C VAL L 80 7.22 -11.95 -26.88
N ASP L 81 8.33 -11.35 -26.46
CA ASP L 81 8.38 -9.91 -26.30
C ASP L 81 8.67 -9.24 -27.64
N VAL L 82 7.97 -8.14 -27.90
CA VAL L 82 8.16 -7.38 -29.14
C VAL L 82 8.32 -5.90 -28.80
N ARG L 83 8.89 -5.62 -27.64
CA ARG L 83 9.06 -4.22 -27.24
C ARG L 83 10.25 -3.58 -27.95
N ASP L 84 11.26 -4.38 -28.33
CA ASP L 84 12.48 -3.88 -28.99
C ASP L 84 12.89 -4.90 -30.04
N VAL L 85 12.24 -4.85 -31.19
CA VAL L 85 12.26 -5.94 -32.15
C VAL L 85 12.26 -5.37 -33.56
N THR L 86 13.03 -5.98 -34.46
CA THR L 86 12.91 -5.58 -35.87
C THR L 86 11.50 -5.85 -36.38
N HIS L 87 11.16 -5.20 -37.49
CA HIS L 87 9.82 -5.34 -38.04
C HIS L 87 9.56 -6.77 -38.50
N SER L 88 10.54 -7.40 -39.15
CA SER L 88 10.34 -8.77 -39.59
C SER L 88 10.26 -9.75 -38.44
N LYS L 89 10.88 -9.43 -37.31
CA LYS L 89 10.79 -10.32 -36.16
C LYS L 89 9.44 -10.22 -35.44
N ALA L 90 8.81 -9.03 -35.43
CA ALA L 90 7.48 -8.91 -34.86
C ALA L 90 6.41 -9.44 -35.82
N VAL L 91 6.61 -9.27 -37.12
CA VAL L 91 5.72 -9.92 -38.09
C VAL L 91 5.80 -11.44 -37.92
N GLU L 92 7.00 -11.96 -37.64
CA GLU L 92 7.17 -13.38 -37.37
C GLU L 92 6.38 -13.81 -36.13
N ALA L 93 6.54 -13.08 -35.02
CA ALA L 93 5.90 -13.48 -33.76
C ALA L 93 4.39 -13.62 -33.94
N LEU L 94 3.77 -12.65 -34.59
CA LEU L 94 2.33 -12.70 -34.84
C LEU L 94 1.96 -13.81 -35.81
N LYS L 95 2.79 -14.04 -36.85
CA LYS L 95 2.44 -15.04 -37.84
C LYS L 95 2.65 -16.47 -37.34
N GLU L 96 3.55 -16.66 -36.37
CA GLU L 96 3.87 -17.98 -35.86
C GLU L 96 3.13 -18.30 -34.57
N ALA L 97 2.16 -17.47 -34.17
CA ALA L 97 1.61 -17.45 -32.82
C ALA L 97 0.53 -18.48 -32.57
N GLY L 98 0.07 -19.22 -33.59
CA GLY L 98 -0.97 -20.22 -33.40
C GLY L 98 -2.37 -19.65 -33.52
N SER L 99 -3.37 -20.47 -33.19
CA SER L 99 -4.75 -20.03 -33.39
C SER L 99 -5.33 -19.25 -32.21
N ILE L 100 -4.60 -19.15 -31.10
CA ILE L 100 -5.05 -18.34 -29.97
C ILE L 100 -3.88 -17.47 -29.51
N VAL L 101 -4.04 -16.15 -29.68
CA VAL L 101 -2.96 -15.18 -29.59
C VAL L 101 -3.25 -14.21 -28.45
N ARG L 102 -2.45 -14.29 -27.39
CA ARG L 102 -2.54 -13.34 -26.29
C ARG L 102 -1.73 -12.10 -26.63
N LEU L 103 -2.39 -10.95 -26.73
CA LEU L 103 -1.72 -9.69 -27.00
C LEU L 103 -1.66 -8.88 -25.72
N TYR L 104 -0.48 -8.40 -25.37
CA TYR L 104 -0.32 -7.43 -24.29
C TYR L 104 -0.16 -6.06 -24.94
N VAL L 105 -1.11 -5.16 -24.72
CA VAL L 105 -1.11 -3.87 -25.39
C VAL L 105 -1.27 -2.77 -24.35
N LYS L 106 -0.80 -1.57 -24.71
CA LYS L 106 -1.00 -0.37 -23.93
C LYS L 106 -1.41 0.76 -24.85
N ARG L 107 -2.07 1.75 -24.29
CA ARG L 107 -2.56 2.84 -25.12
C ARG L 107 -2.67 4.11 -24.31
N ARG L 108 -2.82 5.23 -25.01
CA ARG L 108 -3.10 6.50 -24.37
C ARG L 108 -4.54 6.53 -23.87
N LYS L 109 -4.74 7.14 -22.72
CA LYS L 109 -6.02 7.12 -22.04
C LYS L 109 -6.83 8.36 -22.43
N GLU M 1 13.51 1.18 -6.85
CA GLU M 1 13.28 -0.09 -6.17
C GLU M 1 12.85 0.13 -4.72
N THR M 2 12.02 -0.78 -4.22
CA THR M 2 11.49 -0.70 -2.87
C THR M 2 11.84 -1.96 -2.10
N GLU M 3 12.40 -1.78 -0.91
CA GLU M 3 12.65 -2.91 -0.03
CA GLU M 3 12.65 -2.91 -0.03
C GLU M 3 11.33 -3.49 0.43
N VAL M 4 11.20 -4.81 0.39
CA VAL M 4 9.98 -5.45 0.89
C VAL M 4 10.30 -6.58 1.90
N GLU N 1 -5.99 -23.90 28.65
CA GLU N 1 -4.68 -23.97 28.04
C GLU N 1 -4.14 -25.40 28.06
N THR N 2 -3.01 -25.60 27.38
CA THR N 2 -2.39 -26.92 27.27
C THR N 2 -0.89 -26.81 27.47
N GLU N 3 -0.36 -27.62 28.36
CA GLU N 3 1.09 -27.73 28.50
C GLU N 3 1.63 -28.58 27.37
N VAL N 4 2.53 -28.02 26.58
CA VAL N 4 3.15 -28.76 25.49
C VAL N 4 4.63 -28.95 25.78
N GLU O 1 6.17 5.54 -9.84
CA GLU O 1 5.75 6.93 -9.98
C GLU O 1 4.40 7.18 -9.29
N THR O 2 4.10 8.45 -9.00
CA THR O 2 2.80 8.85 -8.48
C THR O 2 2.37 10.11 -9.21
N GLU O 3 1.13 10.15 -9.71
CA GLU O 3 0.63 11.38 -10.32
C GLU O 3 0.27 12.38 -9.23
N VAL O 4 0.69 13.63 -9.40
CA VAL O 4 0.40 14.69 -8.43
C VAL O 4 -0.26 15.91 -9.08
N GLU P 1 36.73 41.02 -2.78
CA GLU P 1 35.28 40.89 -2.90
C GLU P 1 34.92 39.71 -3.83
N THR P 2 34.17 38.74 -3.35
CA THR P 2 33.83 37.54 -4.13
C THR P 2 32.33 37.41 -4.29
N GLU P 3 31.89 37.20 -5.52
CA GLU P 3 30.49 36.86 -5.76
C GLU P 3 30.24 35.43 -5.28
N VAL P 4 29.15 35.25 -4.57
CA VAL P 4 28.81 33.96 -4.01
C VAL P 4 27.39 33.65 -4.48
N GLU Q 1 -24.84 6.14 7.69
CA GLU Q 1 -23.77 5.25 7.29
C GLU Q 1 -22.86 5.86 6.24
N THR Q 2 -21.71 5.22 6.00
CA THR Q 2 -20.69 5.76 5.11
C THR Q 2 -20.38 4.75 4.01
N GLU Q 3 -20.29 5.22 2.78
CA GLU Q 3 -19.87 4.41 1.64
C GLU Q 3 -18.35 4.48 1.48
N VAL Q 4 -17.69 3.32 1.58
CA VAL Q 4 -16.24 3.26 1.39
C VAL Q 4 -15.93 2.44 0.15
N GLU R 1 -4.40 -53.73 -0.11
CA GLU R 1 -4.50 -52.28 -0.31
C GLU R 1 -5.63 -51.69 0.52
N THR R 2 -5.30 -50.65 1.30
CA THR R 2 -6.25 -49.98 2.18
C THR R 2 -6.13 -48.47 2.00
N GLU R 3 -7.28 -47.79 1.94
CA GLU R 3 -7.36 -46.34 1.79
C GLU R 3 -7.34 -45.69 3.18
N VAL R 4 -6.38 -44.79 3.40
CA VAL R 4 -6.23 -44.14 4.70
C VAL R 4 -6.37 -42.63 4.60
N GLU S 1 -7.31 16.47 27.72
CA GLU S 1 -6.06 16.89 27.10
C GLU S 1 -5.38 15.72 26.44
N THR S 2 -5.20 15.80 25.12
CA THR S 2 -4.66 14.69 24.36
C THR S 2 -3.39 15.14 23.64
N GLU S 3 -2.35 14.32 23.76
CA GLU S 3 -1.08 14.54 23.11
C GLU S 3 -1.12 14.03 21.67
N VAL S 4 -0.60 14.81 20.74
CA VAL S 4 -0.65 14.49 19.32
C VAL S 4 0.70 14.79 18.68
N GLU T 1 3.81 -0.76 -43.72
CA GLU T 1 3.26 -1.58 -42.64
C GLU T 1 2.93 -2.96 -43.18
N THR T 2 2.53 -3.89 -42.30
CA THR T 2 2.34 -5.29 -42.69
C THR T 2 1.02 -5.81 -42.17
N GLU T 3 0.26 -6.48 -43.04
CA GLU T 3 -1.05 -7.03 -42.70
C GLU T 3 -0.87 -8.39 -42.01
N VAL T 4 -1.39 -8.50 -40.78
CA VAL T 4 -1.25 -9.72 -39.99
C VAL T 4 -2.62 -10.37 -39.73
N GLU U 1 -5.50 -38.59 -25.71
CA GLU U 1 -5.39 -37.53 -24.69
C GLU U 1 -4.11 -36.74 -24.93
N THR U 2 -4.08 -35.51 -24.43
CA THR U 2 -2.95 -34.59 -24.55
C THR U 2 -2.65 -33.99 -23.17
N GLU U 3 -1.36 -33.91 -22.83
CA GLU U 3 -0.96 -33.29 -21.57
C GLU U 3 -0.92 -31.77 -21.71
N VAL U 4 -1.49 -31.09 -20.71
CA VAL U 4 -1.43 -29.62 -20.63
C VAL U 4 -0.92 -29.16 -19.25
N GLU V 1 -32.65 2.51 20.42
CA GLU V 1 -33.51 1.34 20.37
C GLU V 1 -34.32 1.21 21.68
N THR V 2 -35.30 0.31 21.69
CA THR V 2 -36.30 0.25 22.75
C THR V 2 -36.61 -1.19 23.12
N GLU V 3 -36.88 -1.42 24.41
CA GLU V 3 -37.23 -2.75 24.92
C GLU V 3 -38.74 -2.94 24.95
N VAL V 4 -39.23 -4.00 24.31
CA VAL V 4 -40.66 -4.27 24.22
C VAL V 4 -41.01 -5.62 24.84
N GLU W 1 45.70 1.14 -0.52
CA GLU W 1 44.89 2.18 0.07
C GLU W 1 45.68 3.47 0.10
N THR W 2 44.99 4.60 -0.05
CA THR W 2 45.61 5.92 -0.06
C THR W 2 45.07 6.75 1.10
N GLU W 3 45.96 7.48 1.76
CA GLU W 3 45.62 8.32 2.90
C GLU W 3 45.36 9.75 2.45
N VAL W 4 44.13 10.23 2.66
CA VAL W 4 43.70 11.55 2.23
C VAL W 4 43.21 12.42 3.39
N GLU X 1 -19.60 44.27 1.35
CA GLU X 1 -19.13 43.83 0.04
C GLU X 1 -18.89 44.99 -0.90
N THR X 2 -18.27 44.70 -2.05
CA THR X 2 -17.94 45.73 -3.01
C THR X 2 -18.15 45.19 -4.42
N GLU X 3 -18.72 46.03 -5.28
CA GLU X 3 -18.89 45.69 -6.69
C GLU X 3 -17.61 46.04 -7.44
N VAL X 4 -17.14 45.11 -8.27
CA VAL X 4 -15.92 45.33 -9.03
C VAL X 4 -16.15 45.11 -10.55
#